data_8K17
#
_entry.id   8K17
#
_cell.length_a   1.00
_cell.length_b   1.00
_cell.length_c   1.00
_cell.angle_alpha   90.00
_cell.angle_beta   90.00
_cell.angle_gamma   90.00
#
_symmetry.space_group_name_H-M   'P 1'
#
loop_
_entity.id
_entity.type
_entity.pdbx_description
1 polymer 'Prolyl 3-hydroxylase 1'
2 polymer 'Cartilage-associated protein'
3 polymer 'Peptidyl-prolyl cis-trans isomerase B'
4 polymer 'synthetic substrate'
5 non-polymer 2-acetamido-2-deoxy-beta-D-glucopyranose
6 non-polymer 'FE (III) ION'
#
loop_
_entity_poly.entity_id
_entity_poly.type
_entity_poly.pdbx_seq_one_letter_code
_entity_poly.pdbx_strand_id
1 'polypeptide(L)'
;MAVRALKLLTTLLAVVAAASQAEVESEAGWGMVTPDLLFAEGTAAYARGDWPGVVLSMERALRSRAALRALRLRCRTQCA
ADFPWELDPDWSPSPAQASGAAALRDLSFFGGLLRRAACLRRCLGPPAAHSLSEEMELEFRKRSPYNYLQVAYFKINKLE
KAVAAAHTFFVGNPEHMEMQQNLDYYQTMSGVKEADFKDLETQPHMQEFRLGVRLYSEEQPQEAVPHLEAALQEYFVAYE
ECRALCEGPYDYDGYNYLEYNADLFQAITDHYIQVLNCKQNCVTELASHPSREKPFEDFLPSHYNYLQFAYYNIGNYTQA
VECAKTYLLFFPNDEVMNQNLAYYAAMLGEEHTRSIGPRESAKEYRQRSLLEKELLFFAYDVFGIPFVDPDSWTPEEVIP
KRLQEKQKSERETAVRISQEIGNLMKEIETLVEEKTKESLDVSRLTREGGPLLYEGISLTMNSKLLNGSQRVVMDGVISD
HECQELQRLTNVAATSGDGYRGQTSPHTPNEKFYGVTVFKALKLGQEGKVPLQSAHLYYNVTEKVRRIMESYFRLDTPLY
FSYSHLVCRTAIEEVQAERKDDSHPVHVDNCILNAETLVCVKEPPAYTFRDYSAILYLNGDFDGGNFYFTELDAKTVTAE
VQPQCGRAVGFSSGTENPHGVKAVTRGQRCAIALWFTLDPRHSERDRVQADDLVKMLFSPEEMDLSQEQPLDAQQGPPEP
AQESLSGSESKPKDEL
;
A
2 'polypeptide(L)'
;MEPGRRGAAALLALLCVACALRAGRAQYERYSFRSFPRDELMPLESAYRHALDKYSGEHWAESVGYLEISLRLHRLLRDS
EAFCHRNCSAAPQPEPAAGLASYPELRLFGGLLRRAHCLKRCKQGLPAFRQSQPSREVLADFQRREPYKFLQFAYFKANN
LPKAIAAAHTFLLKHPDDEMMKRNMAYYKSLPGAEDYIKDLETKSYESLFIRAVRAYNGENWRTSITDMELALPDFFKAF
YECLAACEGSREIKDFKDFYLSIADHYVEVLECKIQCEENLTPVIGGYPVEKFVATMYHYLQFAYYKLNDLKNAAPCAVS
YLLFDQNDKVMQQNLVYYQYHRDTWGLSDEHFQPRPEAVQFFNVTTLQKELYDFAKENIMDDDEGEVVEYVDDLLELEET
SAAALEVLFQGPSAWSHPQFEKGGGSGGGSGGSAWSHPQFEK
;
B
3 'polypeptide(L)'
;MLRLSERNMKVLLAAALIAGSVFFLLLPGPSAADEKKKGPKVTVKVYFDLRIGDEDVGRVIFGLFGKTVPKTVDNFVALA
TGEKGFGYKNSKFHRVIKDFMIQGGDFTRGDGTGGKSIYGERFPDENFKLKHYGPGWVSMANAGKDTNGSQFFITTVKTA
WLDGKHVVFGKVLEGMEVVRKVESTKTDSRDKPLKDVIIADCGKIEVEKPFAIAKEAAAENLYFQGDYKDHDGDYKDHDI
DYKDDDDKHHHHHHHH
;
C
4 'polypeptide(L)' GLNGLPGPIGPPGPRGRTGDA E
#
loop_
_chem_comp.id
_chem_comp.type
_chem_comp.name
_chem_comp.formula
FE non-polymer 'FE (III) ION' 'Fe 3'
NAG D-saccharide, beta linking 2-acetamido-2-deoxy-beta-D-glucopyranose 'C8 H15 N O6'
#
# COMPACT_ATOMS: atom_id res chain seq x y z
N GLY A 31 20.81 13.85 19.43
CA GLY A 31 20.14 12.85 18.61
C GLY A 31 18.98 13.41 17.82
N MET A 32 18.80 14.73 17.90
CA MET A 32 17.72 15.44 17.21
C MET A 32 16.36 14.89 17.62
N VAL A 33 16.04 15.16 18.88
CA VAL A 33 14.73 14.85 19.43
C VAL A 33 13.65 15.27 18.44
N THR A 34 12.62 14.44 18.31
CA THR A 34 11.60 14.69 17.33
C THR A 34 10.85 15.98 17.66
N PRO A 35 10.30 16.68 16.65
CA PRO A 35 9.64 17.96 16.93
C PRO A 35 8.43 17.88 17.86
N ASP A 36 7.65 16.79 17.83
CA ASP A 36 6.38 16.79 18.54
C ASP A 36 6.57 16.70 20.05
N LEU A 37 7.61 15.99 20.50
CA LEU A 37 7.90 15.96 21.92
C LEU A 37 8.22 17.35 22.46
N LEU A 38 9.05 18.10 21.74
CA LEU A 38 9.38 19.47 22.13
C LEU A 38 8.15 20.38 22.04
N PHE A 39 7.31 20.19 21.02
CA PHE A 39 6.11 21.01 20.91
C PHE A 39 5.16 20.77 22.08
N ALA A 40 5.00 19.52 22.49
CA ALA A 40 4.14 19.23 23.63
C ALA A 40 4.70 19.84 24.90
N GLU A 41 6.02 19.73 25.10
CA GLU A 41 6.63 20.39 26.25
C GLU A 41 6.33 21.88 26.25
N GLY A 42 6.47 22.52 25.09
CA GLY A 42 6.24 23.96 25.02
C GLY A 42 4.79 24.34 25.30
N THR A 43 3.85 23.57 24.77
CA THR A 43 2.44 23.87 25.03
C THR A 43 2.11 23.74 26.52
N ALA A 44 2.63 22.69 27.17
CA ALA A 44 2.40 22.53 28.59
C ALA A 44 3.00 23.69 29.38
N ALA A 45 4.23 24.10 29.04
CA ALA A 45 4.84 25.23 29.72
C ALA A 45 4.03 26.50 29.52
N TYR A 46 3.47 26.69 28.33
CA TYR A 46 2.63 27.86 28.08
C TYR A 46 1.42 27.83 28.98
N ALA A 47 0.80 26.66 29.15
CA ALA A 47 -0.33 26.56 30.06
C ALA A 47 0.08 26.91 31.49
N ARG A 48 1.24 26.44 31.93
CA ARG A 48 1.68 26.72 33.30
C ARG A 48 2.00 28.20 33.51
N GLY A 49 2.61 28.84 32.54
CA GLY A 49 3.02 30.22 32.70
C GLY A 49 4.51 30.39 32.91
N ASP A 50 5.30 29.61 32.18
CA ASP A 50 6.76 29.63 32.24
C ASP A 50 7.29 30.09 30.89
N TRP A 51 7.42 31.40 30.71
CA TRP A 51 7.82 31.94 29.41
C TRP A 51 9.21 31.51 28.94
N PRO A 52 10.26 31.48 29.78
CA PRO A 52 11.52 30.92 29.31
C PRO A 52 11.38 29.49 28.81
N GLY A 53 10.51 28.71 29.43
CA GLY A 53 10.29 27.34 28.97
C GLY A 53 9.74 27.29 27.56
N VAL A 54 8.71 28.11 27.28
CA VAL A 54 8.11 28.06 25.97
C VAL A 54 9.07 28.59 24.91
N VAL A 55 9.82 29.65 25.21
CA VAL A 55 10.74 30.14 24.18
C VAL A 55 11.79 29.09 23.86
N LEU A 56 12.38 28.47 24.90
CA LEU A 56 13.40 27.47 24.68
C LEU A 56 12.87 26.29 23.88
N SER A 57 11.73 25.74 24.31
CA SER A 57 11.19 24.55 23.67
C SER A 57 10.72 24.83 22.24
N MET A 58 10.04 25.94 22.00
CA MET A 58 9.53 26.20 20.66
C MET A 58 10.65 26.46 19.67
N GLU A 59 11.69 27.20 20.09
CA GLU A 59 12.83 27.38 19.19
C GLU A 59 13.50 26.05 18.88
N ARG A 60 13.62 25.18 19.89
CA ARG A 60 14.20 23.87 19.65
C ARG A 60 13.37 23.07 18.67
N ALA A 61 12.04 23.16 18.76
CA ALA A 61 11.17 22.42 17.85
C ALA A 61 11.37 22.85 16.41
N LEU A 62 11.43 24.17 16.17
CA LEU A 62 11.64 24.66 14.81
C LEU A 62 12.98 24.18 14.25
N ARG A 63 14.05 24.32 15.06
CA ARG A 63 15.37 23.91 14.57
C ARG A 63 15.42 22.41 14.29
N SER A 64 14.75 21.61 15.13
CA SER A 64 14.77 20.17 14.94
C SER A 64 14.07 19.76 13.65
N ARG A 65 12.93 20.38 13.36
CA ARG A 65 12.27 20.11 12.08
C ARG A 65 13.17 20.45 10.89
N ALA A 66 13.82 21.62 10.94
CA ALA A 66 14.68 21.99 9.82
C ALA A 66 15.86 21.02 9.66
N ALA A 67 16.47 20.60 10.77
CA ALA A 67 17.62 19.71 10.68
C ALA A 67 17.25 18.35 10.12
N LEU A 68 16.09 17.81 10.53
CA LEU A 68 15.69 16.52 9.99
C LEU A 68 15.39 16.61 8.50
N ARG A 69 14.77 17.71 8.06
CA ARG A 69 14.53 17.87 6.63
C ARG A 69 15.84 17.92 5.85
N ALA A 70 16.82 18.67 6.36
CA ALA A 70 18.10 18.77 5.65
C ALA A 70 18.81 17.42 5.58
N LEU A 71 18.74 16.62 6.65
CA LEU A 71 19.37 15.30 6.63
C LEU A 71 18.75 14.39 5.56
N ARG A 72 17.42 14.36 5.51
CA ARG A 72 16.76 13.53 4.49
C ARG A 72 17.18 13.96 3.10
N LEU A 73 17.15 15.26 2.83
CA LEU A 73 17.52 15.76 1.51
C LEU A 73 18.95 15.38 1.16
N ARG A 74 19.87 15.49 2.12
CA ARG A 74 21.28 15.27 1.84
C ARG A 74 21.58 13.82 1.48
N CYS A 75 21.13 12.84 2.28
CA CYS A 75 21.42 11.47 1.84
C CYS A 75 20.59 10.99 0.66
N ARG A 76 19.38 11.50 0.44
CA ARG A 76 18.74 11.05 -0.79
C ARG A 76 19.55 11.49 -2.01
N THR A 77 20.01 12.74 -2.02
CA THR A 77 20.84 13.20 -3.14
C THR A 77 22.15 12.42 -3.22
N GLN A 78 22.80 12.17 -2.09
CA GLN A 78 24.09 11.50 -2.09
C GLN A 78 23.98 10.07 -2.60
N CYS A 79 22.98 9.33 -2.13
CA CYS A 79 22.81 7.95 -2.58
C CYS A 79 22.43 7.89 -4.04
N ALA A 80 21.70 8.88 -4.56
CA ALA A 80 21.45 8.91 -5.98
C ALA A 80 22.72 9.16 -6.78
N ALA A 81 23.62 10.00 -6.25
CA ALA A 81 24.82 10.33 -7.03
C ALA A 81 25.93 9.30 -6.89
N ASP A 82 25.88 8.41 -5.89
CA ASP A 82 26.91 7.38 -5.77
C ASP A 82 26.65 6.22 -6.73
N PHE A 83 25.39 5.81 -6.89
CA PHE A 83 25.03 4.60 -7.63
C PHE A 83 24.05 4.93 -8.74
N PRO A 84 24.52 5.47 -9.86
CA PRO A 84 23.59 5.84 -10.94
C PRO A 84 23.01 4.62 -11.60
N TRP A 85 21.83 4.80 -12.21
CA TRP A 85 21.14 3.69 -12.85
C TRP A 85 21.88 3.25 -14.10
N GLU A 86 22.00 1.94 -14.28
CA GLU A 86 22.62 1.37 -15.46
C GLU A 86 21.58 1.09 -16.52
N LEU A 87 22.02 0.94 -17.77
CA LEU A 87 21.12 0.77 -18.90
C LEU A 87 21.77 -0.17 -19.90
N ASP A 88 21.24 -1.39 -20.00
CA ASP A 88 21.66 -2.37 -21.01
C ASP A 88 20.42 -2.91 -21.72
N PRO A 89 19.74 -2.06 -22.51
CA PRO A 89 18.45 -2.46 -23.08
C PRO A 89 18.58 -3.28 -24.36
N ASP A 90 19.78 -3.81 -24.61
CA ASP A 90 20.04 -4.60 -25.81
C ASP A 90 19.67 -6.07 -25.61
N TRP A 91 18.42 -6.32 -25.20
CA TRP A 91 17.99 -7.68 -24.93
C TRP A 91 17.94 -8.50 -26.21
N SER A 92 18.33 -9.77 -26.10
CA SER A 92 18.41 -10.70 -27.21
C SER A 92 17.46 -11.87 -26.99
N PRO A 93 16.40 -12.01 -27.79
CA PRO A 93 15.52 -13.18 -27.70
C PRO A 93 16.09 -14.39 -28.45
N SER A 94 17.26 -14.85 -28.02
CA SER A 94 17.91 -15.95 -28.71
C SER A 94 17.07 -17.22 -28.57
N PRO A 95 16.95 -18.02 -29.63
CA PRO A 95 16.14 -19.24 -29.54
C PRO A 95 16.68 -20.19 -28.47
N ALA A 96 15.75 -20.67 -27.63
CA ALA A 96 16.08 -21.52 -26.47
C ALA A 96 17.03 -20.80 -25.50
N GLN A 97 16.98 -19.47 -25.53
CA GLN A 97 17.76 -18.68 -24.58
C GLN A 97 16.99 -17.47 -24.05
N ALA A 98 15.67 -17.41 -24.24
CA ALA A 98 14.92 -16.23 -23.78
C ALA A 98 14.72 -16.25 -22.27
N SER A 99 14.59 -17.43 -21.68
CA SER A 99 14.29 -17.51 -20.25
C SER A 99 15.46 -17.05 -19.39
N GLY A 100 16.65 -17.57 -19.67
CA GLY A 100 17.81 -17.19 -18.88
C GLY A 100 18.19 -15.73 -19.06
N ALA A 101 18.01 -15.21 -20.27
CA ALA A 101 18.29 -13.79 -20.49
C ALA A 101 17.36 -12.91 -19.67
N ALA A 102 16.09 -13.30 -19.57
CA ALA A 102 15.16 -12.55 -18.73
C ALA A 102 15.58 -12.61 -17.26
N ALA A 103 16.01 -13.78 -16.81
CA ALA A 103 16.47 -13.89 -15.43
C ALA A 103 17.68 -12.99 -15.17
N LEU A 104 18.64 -12.96 -16.09
CA LEU A 104 19.82 -12.13 -15.88
C LEU A 104 19.50 -10.65 -15.91
N ARG A 105 18.58 -10.23 -16.76
CA ARG A 105 18.15 -8.82 -16.76
C ARG A 105 17.53 -8.42 -15.43
N ASP A 106 16.63 -9.25 -14.90
CA ASP A 106 16.06 -8.94 -13.59
C ASP A 106 17.14 -8.87 -12.51
N LEU A 107 18.14 -9.74 -12.59
CA LEU A 107 19.20 -9.73 -11.59
C LEU A 107 20.03 -8.45 -11.66
N SER A 108 20.28 -7.94 -12.86
CA SER A 108 20.97 -6.65 -12.97
C SER A 108 20.19 -5.54 -12.29
N PHE A 109 18.89 -5.47 -12.58
CA PHE A 109 18.06 -4.41 -12.00
C PHE A 109 18.06 -4.48 -10.48
N PHE A 110 17.86 -5.67 -9.93
CA PHE A 110 17.73 -5.76 -8.48
C PHE A 110 19.06 -5.66 -7.76
N GLY A 111 20.18 -5.99 -8.41
CA GLY A 111 21.46 -5.68 -7.81
C GLY A 111 21.65 -4.19 -7.62
N GLY A 112 21.33 -3.40 -8.66
CA GLY A 112 21.42 -1.95 -8.50
C GLY A 112 20.55 -1.43 -7.37
N LEU A 113 19.31 -1.92 -7.31
CA LEU A 113 18.38 -1.44 -6.28
C LEU A 113 18.88 -1.76 -4.88
N LEU A 114 19.40 -2.97 -4.67
CA LEU A 114 19.86 -3.31 -3.32
C LEU A 114 21.09 -2.50 -2.92
N ARG A 115 21.97 -2.17 -3.87
CA ARG A 115 23.12 -1.34 -3.52
C ARG A 115 22.68 0.04 -3.03
N ARG A 116 21.73 0.66 -3.74
CA ARG A 116 21.22 1.95 -3.27
C ARG A 116 20.56 1.84 -1.91
N ALA A 117 19.78 0.78 -1.68
CA ALA A 117 19.10 0.64 -0.40
C ALA A 117 20.09 0.52 0.75
N ALA A 118 21.19 -0.21 0.54
CA ALA A 118 22.20 -0.31 1.60
C ALA A 118 22.83 1.04 1.91
N CYS A 119 23.12 1.84 0.87
CA CYS A 119 23.68 3.16 1.13
C CYS A 119 22.71 4.06 1.93
N LEU A 120 21.44 4.07 1.52
CA LEU A 120 20.45 4.89 2.22
C LEU A 120 20.33 4.46 3.68
N ARG A 121 20.28 3.15 3.91
CA ARG A 121 20.15 2.65 5.28
C ARG A 121 21.33 3.06 6.13
N ARG A 122 22.54 3.06 5.55
CA ARG A 122 23.70 3.36 6.39
C ARG A 122 23.92 4.86 6.61
N CYS A 123 23.32 5.76 5.81
CA CYS A 123 23.13 7.06 6.48
C CYS A 123 22.01 7.10 7.50
N LEU A 124 20.78 6.98 7.01
CA LEU A 124 19.68 7.79 7.55
C LEU A 124 19.61 7.68 9.07
N GLY A 125 19.82 6.49 9.61
CA GLY A 125 19.91 6.31 11.04
C GLY A 125 18.66 5.65 11.56
N PRO A 126 18.14 6.14 12.68
CA PRO A 126 16.84 5.66 13.18
C PRO A 126 15.69 6.17 12.34
N PRO A 127 14.94 5.27 11.70
CA PRO A 127 13.80 5.72 10.87
C PRO A 127 12.59 6.14 11.68
N ALA A 128 12.63 6.07 13.01
CA ALA A 128 11.50 6.54 13.81
C ALA A 128 11.44 8.06 13.88
N ALA A 129 12.54 8.75 13.61
CA ALA A 129 12.61 10.18 13.83
C ALA A 129 11.86 10.98 12.78
N HIS A 130 11.70 10.45 11.56
CA HIS A 130 11.13 11.19 10.45
C HIS A 130 9.63 11.02 10.33
N SER A 131 8.98 10.43 11.32
CA SER A 131 7.55 10.16 11.29
C SER A 131 6.83 10.97 12.35
N LEU A 132 5.78 11.70 11.95
CA LEU A 132 4.95 12.39 12.92
C LEU A 132 3.53 12.45 12.38
N SER A 133 2.57 12.66 13.28
CA SER A 133 1.17 12.55 12.94
C SER A 133 0.75 13.65 11.98
N GLU A 134 -0.54 13.63 11.62
CA GLU A 134 -1.05 14.62 10.68
C GLU A 134 -1.58 15.87 11.39
N GLU A 135 -2.00 15.74 12.64
CA GLU A 135 -2.34 16.93 13.42
C GLU A 135 -1.12 17.81 13.65
N MET A 136 0.03 17.21 13.94
CA MET A 136 1.25 18.00 14.10
C MET A 136 1.66 18.66 12.81
N GLU A 137 1.52 17.96 11.69
CA GLU A 137 1.83 18.58 10.40
C GLU A 137 0.92 19.76 10.12
N LEU A 138 -0.36 19.63 10.45
CA LEU A 138 -1.26 20.77 10.30
C LEU A 138 -0.87 21.92 11.23
N GLU A 139 -0.42 21.59 12.44
CA GLU A 139 0.01 22.63 13.37
C GLU A 139 1.22 23.38 12.83
N PHE A 140 2.13 22.66 12.16
CA PHE A 140 3.34 23.28 11.65
C PHE A 140 3.11 24.06 10.36
N ARG A 141 2.15 23.64 9.53
CA ARG A 141 1.89 24.37 8.30
C ARG A 141 1.18 25.69 8.53
N LYS A 142 0.52 25.85 9.68
CA LYS A 142 -0.16 27.09 10.01
C LYS A 142 0.67 28.04 10.86
N ARG A 143 1.87 27.64 11.27
CA ARG A 143 2.80 28.50 12.00
C ARG A 143 2.31 28.85 13.40
N SER A 144 1.79 27.87 14.14
CA SER A 144 1.42 28.11 15.54
C SER A 144 2.60 28.44 16.44
N PRO A 145 3.75 27.78 16.34
CA PRO A 145 4.85 28.11 17.25
C PRO A 145 5.21 29.58 17.23
N TYR A 146 5.00 30.28 16.11
CA TYR A 146 5.30 31.71 16.07
C TYR A 146 4.29 32.51 16.89
N ASN A 147 3.04 32.07 16.94
CA ASN A 147 2.07 32.65 17.85
C ASN A 147 2.54 32.55 19.29
N TYR A 148 2.89 31.32 19.71
CA TYR A 148 3.35 31.14 21.08
C TYR A 148 4.59 31.98 21.36
N LEU A 149 5.53 32.00 20.41
CA LEU A 149 6.78 32.72 20.62
C LEU A 149 6.56 34.22 20.73
N GLN A 150 5.65 34.78 19.94
CA GLN A 150 5.45 36.22 20.04
C GLN A 150 4.85 36.60 21.38
N VAL A 151 3.89 35.80 21.88
CA VAL A 151 3.37 36.11 23.21
C VAL A 151 4.48 36.04 24.25
N ALA A 152 5.28 34.98 24.20
CA ALA A 152 6.34 34.82 25.19
C ALA A 152 7.36 35.95 25.12
N TYR A 153 7.80 36.28 23.91
CA TYR A 153 8.83 37.31 23.73
C TYR A 153 8.33 38.65 24.25
N PHE A 154 7.07 38.99 23.97
CA PHE A 154 6.54 40.22 24.55
C PHE A 154 6.54 40.16 26.07
N LYS A 155 6.18 39.01 26.64
CA LYS A 155 6.10 38.93 28.09
C LYS A 155 7.47 39.05 28.75
N ILE A 156 8.55 38.69 28.06
CA ILE A 156 9.89 38.79 28.65
C ILE A 156 10.71 39.93 28.04
N ASN A 157 10.07 40.87 27.34
CA ASN A 157 10.71 42.09 26.83
C ASN A 157 11.86 41.77 25.86
N LYS A 158 11.47 41.22 24.70
CA LYS A 158 12.37 41.02 23.57
C LYS A 158 11.70 41.49 22.29
N LEU A 159 11.18 42.73 22.32
CA LEU A 159 10.13 43.17 21.40
C LEU A 159 10.52 43.02 19.93
N GLU A 160 11.81 43.05 19.60
CA GLU A 160 12.22 42.87 18.21
C GLU A 160 11.83 41.48 17.70
N LYS A 161 12.22 40.45 18.43
CA LYS A 161 11.84 39.10 18.05
C LYS A 161 10.33 38.93 18.10
N ALA A 162 9.66 39.65 19.00
CA ALA A 162 8.20 39.60 19.05
C ALA A 162 7.59 40.11 17.76
N VAL A 163 8.07 41.24 17.24
CA VAL A 163 7.47 41.76 16.02
C VAL A 163 7.80 40.89 14.84
N ALA A 164 9.00 40.30 14.80
CA ALA A 164 9.31 39.37 13.71
C ALA A 164 8.37 38.17 13.73
N ALA A 165 8.16 37.57 14.90
CA ALA A 165 7.28 36.42 14.99
C ALA A 165 5.85 36.79 14.64
N ALA A 166 5.39 37.96 15.09
CA ALA A 166 4.04 38.39 14.79
C ALA A 166 3.84 38.58 13.30
N HIS A 167 4.81 39.19 12.61
CA HIS A 167 4.68 39.37 11.18
C HIS A 167 4.67 38.04 10.44
N THR A 168 5.51 37.10 10.85
CA THR A 168 5.49 35.78 10.21
C THR A 168 4.14 35.12 10.36
N PHE A 169 3.60 35.12 11.58
CA PHE A 169 2.30 34.50 11.79
C PHE A 169 1.21 35.20 10.98
N PHE A 170 1.24 36.54 10.93
CA PHE A 170 0.23 37.26 10.19
C PHE A 170 0.28 36.93 8.70
N VAL A 171 1.49 36.83 8.15
CA VAL A 171 1.62 36.43 6.75
C VAL A 171 1.03 35.05 6.54
N GLY A 172 1.23 34.15 7.51
CA GLY A 172 0.67 32.81 7.36
C GLY A 172 -0.84 32.80 7.35
N ASN A 173 -1.46 33.49 8.29
CA ASN A 173 -2.92 33.53 8.42
C ASN A 173 -3.41 34.95 8.20
N PRO A 174 -4.06 35.26 7.08
CA PRO A 174 -4.46 36.65 6.80
C PRO A 174 -5.83 37.04 7.32
N GLU A 175 -6.51 36.17 8.06
CA GLU A 175 -7.86 36.42 8.55
C GLU A 175 -7.89 36.58 10.06
N HIS A 176 -6.91 37.27 10.62
CA HIS A 176 -6.80 37.48 12.06
C HIS A 176 -6.71 38.98 12.33
N MET A 177 -7.79 39.56 12.87
CA MET A 177 -7.73 40.95 13.29
C MET A 177 -6.93 41.10 14.58
N GLU A 178 -6.89 40.06 15.40
CA GLU A 178 -6.12 40.13 16.64
C GLU A 178 -4.63 40.30 16.34
N MET A 179 -4.12 39.59 15.34
CA MET A 179 -2.74 39.80 14.94
C MET A 179 -2.51 41.21 14.44
N GLN A 180 -3.48 41.76 13.72
CA GLN A 180 -3.34 43.13 13.22
C GLN A 180 -3.23 44.13 14.35
N GLN A 181 -4.10 44.01 15.36
CA GLN A 181 -4.03 44.96 16.47
C GLN A 181 -2.77 44.74 17.30
N ASN A 182 -2.30 43.50 17.42
CA ASN A 182 -1.03 43.27 18.12
C ASN A 182 0.13 43.95 17.39
N LEU A 183 0.15 43.84 16.06
CA LEU A 183 1.21 44.51 15.31
C LEU A 183 1.10 46.02 15.43
N ASP A 184 -0.13 46.54 15.45
CA ASP A 184 -0.31 47.98 15.67
C ASP A 184 0.27 48.41 17.01
N TYR A 185 -0.06 47.66 18.06
CA TYR A 185 0.45 47.96 19.40
C TYR A 185 1.98 47.94 19.41
N TYR A 186 2.57 46.93 18.76
CA TYR A 186 4.02 46.85 18.73
C TYR A 186 4.62 48.02 17.98
N GLN A 187 4.02 48.42 16.85
CA GLN A 187 4.60 49.47 16.03
C GLN A 187 4.51 50.83 16.71
N THR A 188 3.40 51.10 17.40
CA THR A 188 3.28 52.38 18.10
C THR A 188 4.33 52.50 19.20
N MET A 189 4.60 51.40 19.91
CA MET A 189 5.63 51.41 20.94
C MET A 189 6.99 51.73 20.33
N SER A 190 7.78 52.52 21.07
CA SER A 190 9.11 52.88 20.60
C SER A 190 10.04 51.68 20.65
N GLY A 191 10.85 51.54 19.60
CA GLY A 191 11.85 50.49 19.58
C GLY A 191 11.93 49.72 18.28
N VAL A 192 10.85 49.72 17.51
CA VAL A 192 10.78 48.94 16.28
C VAL A 192 10.35 49.85 15.13
N LYS A 193 10.75 49.46 13.93
CA LYS A 193 10.54 50.24 12.72
C LYS A 193 9.79 49.39 11.70
N GLU A 194 9.65 49.92 10.48
CA GLU A 194 8.93 49.20 9.44
C GLU A 194 9.78 48.08 8.85
N ALA A 195 11.09 48.30 8.71
CA ALA A 195 11.96 47.29 8.10
C ALA A 195 12.14 46.05 8.97
N ASP A 196 11.78 46.12 10.25
CA ASP A 196 11.88 44.96 11.13
C ASP A 196 11.02 43.79 10.65
N PHE A 197 10.02 44.05 9.82
CA PHE A 197 9.12 43.02 9.35
C PHE A 197 9.82 42.11 8.36
N LYS A 198 10.42 41.03 8.86
CA LYS A 198 11.07 40.03 8.03
C LYS A 198 10.37 38.69 8.18
N ASP A 199 10.08 38.04 7.06
CA ASP A 199 9.39 36.76 7.06
C ASP A 199 10.40 35.63 7.29
N LEU A 200 10.15 34.84 8.33
CA LEU A 200 11.07 33.79 8.75
C LEU A 200 10.70 32.43 8.22
N GLU A 201 9.70 32.33 7.34
CA GLU A 201 9.21 31.01 6.97
C GLU A 201 9.01 30.80 5.48
N THR A 202 8.78 31.87 4.72
CA THR A 202 8.45 31.71 3.31
C THR A 202 9.71 31.41 2.49
N GLN A 203 9.51 30.67 1.40
CA GLN A 203 10.61 30.25 0.56
C GLN A 203 11.21 31.43 -0.20
N PRO A 204 12.52 31.42 -0.45
CA PRO A 204 13.17 32.60 -1.06
C PRO A 204 12.71 32.95 -2.46
N HIS A 205 12.44 31.95 -3.31
CA HIS A 205 12.10 32.26 -4.70
C HIS A 205 10.79 33.01 -4.79
N MET A 206 9.83 32.67 -3.93
CA MET A 206 8.54 33.36 -3.95
C MET A 206 8.71 34.81 -3.54
N GLN A 207 9.51 35.08 -2.52
CA GLN A 207 9.74 36.45 -2.09
C GLN A 207 10.46 37.25 -3.16
N GLU A 208 11.44 36.65 -3.82
CA GLU A 208 12.14 37.35 -4.90
C GLU A 208 11.20 37.67 -6.04
N PHE A 209 10.35 36.72 -6.43
CA PHE A 209 9.41 36.96 -7.52
C PHE A 209 8.44 38.06 -7.17
N ARG A 210 7.88 38.01 -5.95
CA ARG A 210 6.90 39.02 -5.56
C ARG A 210 7.52 40.40 -5.50
N LEU A 211 8.74 40.49 -4.97
CA LEU A 211 9.43 41.78 -4.93
C LEU A 211 9.69 42.31 -6.33
N GLY A 212 10.17 41.46 -7.23
CA GLY A 212 10.44 41.91 -8.58
C GLY A 212 9.20 42.33 -9.34
N VAL A 213 8.10 41.60 -9.14
CA VAL A 213 6.85 41.95 -9.81
C VAL A 213 6.29 43.26 -9.27
N ARG A 214 6.42 43.48 -7.95
CA ARG A 214 6.01 44.77 -7.40
C ARG A 214 6.84 45.91 -7.98
N LEU A 215 8.16 45.71 -8.08
CA LEU A 215 9.01 46.75 -8.65
C LEU A 215 8.68 46.99 -10.11
N TYR A 216 8.28 45.95 -10.83
CA TYR A 216 7.86 46.10 -12.21
C TYR A 216 6.58 46.92 -12.30
N SER A 217 5.63 46.68 -11.39
CA SER A 217 4.36 47.38 -11.42
C SER A 217 4.51 48.86 -11.10
N GLU A 218 5.63 49.27 -10.50
CA GLU A 218 5.92 50.67 -10.23
C GLU A 218 6.72 51.33 -11.33
N GLU A 219 7.02 50.61 -12.40
CA GLU A 219 7.77 51.13 -13.55
C GLU A 219 9.17 51.56 -13.14
N GLN A 220 9.94 50.58 -12.63
CA GLN A 220 11.36 50.72 -12.37
C GLN A 220 12.07 49.51 -12.96
N PRO A 221 12.16 49.44 -14.28
CA PRO A 221 12.72 48.22 -14.90
C PRO A 221 14.17 47.94 -14.54
N GLN A 222 14.94 48.95 -14.16
CA GLN A 222 16.34 48.71 -13.82
C GLN A 222 16.48 47.79 -12.62
N GLU A 223 15.61 47.95 -11.63
CA GLU A 223 15.64 47.16 -10.40
C GLU A 223 14.85 45.87 -10.50
N ALA A 224 14.22 45.60 -11.65
CA ALA A 224 13.38 44.42 -11.78
C ALA A 224 14.14 43.21 -12.32
N VAL A 225 15.07 43.42 -13.26
CA VAL A 225 15.75 42.29 -13.89
C VAL A 225 16.59 41.48 -12.92
N PRO A 226 17.38 42.06 -12.00
CA PRO A 226 18.20 41.19 -11.15
C PRO A 226 17.38 40.33 -10.21
N HIS A 227 16.31 40.91 -9.65
CA HIS A 227 15.43 40.13 -8.78
C HIS A 227 14.77 38.99 -9.54
N LEU A 228 14.31 39.24 -10.76
CA LEU A 228 13.65 38.19 -11.53
C LEU A 228 14.62 37.08 -11.93
N GLU A 229 15.85 37.44 -12.29
CA GLU A 229 16.82 36.40 -12.62
C GLU A 229 17.19 35.57 -11.39
N ALA A 230 17.35 36.23 -10.24
CA ALA A 230 17.56 35.49 -9.01
C ALA A 230 16.39 34.56 -8.72
N ALA A 231 15.17 35.03 -8.98
CA ALA A 231 13.99 34.19 -8.76
C ALA A 231 14.02 32.96 -9.65
N LEU A 232 14.45 33.12 -10.90
CA LEU A 232 14.54 31.97 -11.80
C LEU A 232 15.53 30.93 -11.25
N GLN A 233 16.72 31.37 -10.86
CA GLN A 233 17.72 30.43 -10.35
C GLN A 233 17.21 29.71 -9.11
N GLU A 234 16.65 30.48 -8.16
CA GLU A 234 16.11 29.89 -6.96
C GLU A 234 14.98 28.91 -7.27
N TYR A 235 14.18 29.21 -8.29
CA TYR A 235 13.09 28.31 -8.64
C TYR A 235 13.61 26.95 -9.06
N PHE A 236 14.64 26.93 -9.89
CA PHE A 236 15.14 25.64 -10.36
C PHE A 236 15.76 24.86 -9.21
N VAL A 237 16.50 25.54 -8.33
CA VAL A 237 17.11 24.85 -7.19
C VAL A 237 16.04 24.28 -6.26
N ALA A 238 15.01 25.07 -5.96
CA ALA A 238 13.95 24.62 -5.06
C ALA A 238 13.14 23.49 -5.67
N TYR A 239 12.95 23.52 -6.98
CA TYR A 239 12.26 22.42 -7.65
C TYR A 239 13.02 21.12 -7.49
N GLU A 240 14.34 21.16 -7.70
CA GLU A 240 15.12 19.94 -7.53
C GLU A 240 15.06 19.45 -6.09
N GLU A 241 15.08 20.36 -5.12
CA GLU A 241 14.99 19.96 -3.72
C GLU A 241 13.65 19.33 -3.39
N CYS A 242 12.56 19.87 -3.91
CA CYS A 242 11.24 19.30 -3.63
C CYS A 242 11.07 17.94 -4.28
N ARG A 243 11.63 17.73 -5.46
CA ARG A 243 11.47 16.45 -6.15
C ARG A 243 12.12 15.29 -5.41
N ALA A 244 13.15 15.54 -4.59
CA ALA A 244 13.86 14.48 -3.90
C ALA A 244 13.21 14.05 -2.60
N LEU A 245 12.25 14.80 -2.09
CA LEU A 245 11.58 14.48 -0.84
C LEU A 245 10.25 13.78 -1.05
N CYS A 246 9.99 13.29 -2.26
CA CYS A 246 8.70 12.70 -2.61
C CYS A 246 8.68 11.19 -2.54
N GLU A 247 9.79 10.54 -2.15
CA GLU A 247 9.86 9.08 -2.09
C GLU A 247 9.60 8.61 -0.67
N GLY A 248 8.35 8.71 -0.24
CA GLY A 248 7.96 8.32 1.09
C GLY A 248 7.18 7.02 1.10
N PRO A 249 6.50 6.72 2.19
CA PRO A 249 5.77 5.46 2.29
C PRO A 249 4.54 5.41 1.41
N TYR A 250 4.15 4.20 1.05
CA TYR A 250 2.93 3.98 0.28
C TYR A 250 1.71 4.32 1.13
N ASP A 251 0.62 4.64 0.45
CA ASP A 251 -0.57 5.18 1.09
C ASP A 251 -1.70 4.18 0.92
N TYR A 252 -1.79 3.22 1.85
CA TYR A 252 -2.92 2.31 1.89
C TYR A 252 -4.14 3.04 2.44
N ASP A 253 -5.28 2.88 1.78
CA ASP A 253 -6.48 3.66 2.10
C ASP A 253 -7.21 3.03 3.29
N GLY A 254 -6.71 3.30 4.46
CA GLY A 254 -7.36 2.85 5.69
C GLY A 254 -6.76 1.54 6.17
N TYR A 255 -7.61 0.52 6.34
CA TYR A 255 -7.18 -0.78 6.82
C TYR A 255 -6.97 -1.77 5.70
N ASN A 256 -6.83 -1.31 4.46
CA ASN A 256 -6.67 -2.20 3.33
C ASN A 256 -5.27 -2.73 3.17
N TYR A 257 -4.38 -2.54 4.15
CA TYR A 257 -3.11 -3.23 4.10
C TYR A 257 -3.21 -4.67 4.57
N LEU A 258 -4.34 -5.04 5.17
CA LEU A 258 -4.53 -6.41 5.62
C LEU A 258 -5.07 -7.31 4.52
N GLU A 259 -5.57 -6.72 3.43
CA GLU A 259 -5.99 -7.46 2.25
C GLU A 259 -5.29 -6.98 0.99
N TYR A 260 -4.01 -6.63 1.08
CA TYR A 260 -3.22 -6.28 -0.08
C TYR A 260 -2.53 -7.53 -0.61
N ASN A 261 -2.79 -7.87 -1.85
CA ASN A 261 -2.31 -9.12 -2.42
C ASN A 261 -1.70 -8.91 -3.79
N ALA A 262 -0.81 -7.93 -3.89
CA ALA A 262 -0.12 -7.62 -5.14
C ALA A 262 1.22 -8.32 -5.17
N ASP A 263 1.53 -8.94 -6.30
CA ASP A 263 2.80 -9.65 -6.44
C ASP A 263 3.91 -8.62 -6.63
N LEU A 264 5.14 -9.07 -6.89
CA LEU A 264 6.29 -8.17 -6.80
C LEU A 264 6.20 -7.04 -7.82
N PHE A 265 5.94 -7.38 -9.08
CA PHE A 265 5.96 -6.38 -10.14
C PHE A 265 4.72 -5.51 -10.18
N GLN A 266 3.68 -5.85 -9.42
CA GLN A 266 2.53 -4.96 -9.29
C GLN A 266 2.66 -4.03 -8.10
N ALA A 267 3.26 -4.51 -7.02
CA ALA A 267 3.57 -3.63 -5.90
C ALA A 267 4.57 -2.56 -6.29
N ILE A 268 5.61 -2.92 -7.03
CA ILE A 268 6.59 -1.92 -7.48
C ILE A 268 5.90 -0.86 -8.34
N THR A 269 5.02 -1.29 -9.23
CA THR A 269 4.33 -0.39 -10.14
C THR A 269 3.40 0.57 -9.42
N ASP A 270 2.63 0.07 -8.45
CA ASP A 270 1.75 0.95 -7.68
C ASP A 270 2.55 2.01 -6.93
N HIS A 271 3.61 1.59 -6.24
CA HIS A 271 4.42 2.55 -5.50
C HIS A 271 5.06 3.60 -6.42
N TYR A 272 5.57 3.17 -7.57
CA TYR A 272 6.22 4.13 -8.46
C TYR A 272 5.22 5.10 -9.07
N ILE A 273 4.01 4.64 -9.40
CA ILE A 273 3.03 5.56 -9.95
C ILE A 273 2.67 6.62 -8.92
N GLN A 274 2.56 6.23 -7.65
CA GLN A 274 2.31 7.22 -6.62
C GLN A 274 3.45 8.22 -6.49
N VAL A 275 4.69 7.75 -6.51
CA VAL A 275 5.84 8.64 -6.38
C VAL A 275 5.90 9.63 -7.54
N LEU A 276 5.67 9.16 -8.76
CA LEU A 276 5.64 10.05 -9.92
C LEU A 276 4.54 11.09 -9.81
N ASN A 277 3.36 10.68 -9.33
CA ASN A 277 2.28 11.64 -9.15
C ASN A 277 2.66 12.74 -8.19
N CYS A 278 3.34 12.40 -7.10
CA CYS A 278 3.78 13.43 -6.17
C CYS A 278 4.80 14.38 -6.83
N LYS A 279 5.74 13.81 -7.57
CA LYS A 279 6.74 14.66 -8.23
C LYS A 279 6.09 15.63 -9.21
N GLN A 280 5.01 15.20 -9.87
CA GLN A 280 4.33 16.11 -10.79
C GLN A 280 3.50 17.14 -10.05
N ASN A 281 2.95 16.79 -8.89
CA ASN A 281 2.20 17.77 -8.12
C ASN A 281 3.08 18.76 -7.37
N CYS A 282 4.39 18.54 -7.33
CA CYS A 282 5.27 19.58 -6.78
C CYS A 282 5.26 20.86 -7.61
N VAL A 283 4.75 20.79 -8.84
CA VAL A 283 4.72 21.96 -9.71
C VAL A 283 3.72 22.98 -9.20
N THR A 284 2.56 22.52 -8.76
CA THR A 284 1.50 23.41 -8.29
C THR A 284 1.69 23.84 -6.85
N GLU A 285 2.64 23.28 -6.13
CA GLU A 285 2.92 23.65 -4.75
C GLU A 285 3.97 24.74 -4.64
N LEU A 286 4.94 24.75 -5.55
CA LEU A 286 5.92 25.82 -5.61
C LEU A 286 5.35 27.12 -6.11
N ALA A 287 4.11 27.12 -6.61
CA ALA A 287 3.50 28.29 -7.21
C ALA A 287 2.41 28.90 -6.34
N SER A 288 2.29 28.46 -5.10
CA SER A 288 1.23 28.90 -4.22
C SER A 288 1.80 29.68 -3.05
N HIS A 289 1.07 30.69 -2.60
CA HIS A 289 1.41 31.52 -1.47
C HIS A 289 0.19 31.65 -0.57
N PRO A 290 0.37 31.76 0.75
CA PRO A 290 -0.81 31.86 1.63
C PRO A 290 -1.61 33.12 1.47
N SER A 291 -1.04 34.18 0.90
CA SER A 291 -1.80 35.41 0.68
C SER A 291 -2.90 35.21 -0.35
N ARG A 292 -2.62 34.46 -1.40
CA ARG A 292 -3.59 34.23 -2.47
C ARG A 292 -4.41 32.98 -2.18
N GLU A 293 -5.61 32.92 -2.76
CA GLU A 293 -6.47 31.77 -2.59
C GLU A 293 -6.35 30.76 -3.73
N LYS A 294 -5.59 31.07 -4.77
CA LYS A 294 -5.29 30.14 -5.85
C LYS A 294 -3.84 30.31 -6.24
N PRO A 295 -3.21 29.27 -6.78
CA PRO A 295 -1.84 29.42 -7.28
C PRO A 295 -1.77 30.36 -8.49
N PHE A 296 -0.59 30.92 -8.68
CA PHE A 296 -0.35 31.70 -9.90
C PHE A 296 -0.51 30.80 -11.11
N GLU A 297 -0.98 31.38 -12.21
CA GLU A 297 -1.20 30.63 -13.44
C GLU A 297 -0.02 30.83 -14.37
N ASP A 298 0.52 29.72 -14.89
CA ASP A 298 1.68 29.73 -15.78
C ASP A 298 2.87 30.41 -15.13
N PHE A 299 3.36 29.79 -14.06
CA PHE A 299 4.41 30.44 -13.25
C PHE A 299 5.68 30.70 -14.07
N LEU A 300 6.33 29.64 -14.55
CA LEU A 300 7.60 29.79 -15.25
C LEU A 300 7.48 30.58 -16.57
N PRO A 301 6.56 30.26 -17.47
CA PRO A 301 6.40 31.12 -18.64
C PRO A 301 6.09 32.56 -18.26
N SER A 302 5.42 32.81 -17.14
CA SER A 302 5.19 34.19 -16.74
C SER A 302 6.49 34.86 -16.32
N HIS A 303 7.40 34.12 -15.69
CA HIS A 303 8.74 34.69 -15.45
C HIS A 303 9.30 35.24 -16.74
N TYR A 304 9.25 34.42 -17.79
CA TYR A 304 9.86 34.86 -19.06
C TYR A 304 9.08 36.00 -19.70
N ASN A 305 7.76 36.00 -19.54
CA ASN A 305 6.93 37.07 -20.07
C ASN A 305 7.29 38.41 -19.46
N TYR A 306 7.47 38.46 -18.14
CA TYR A 306 7.90 39.71 -17.51
C TYR A 306 9.30 40.10 -17.96
N LEU A 307 10.21 39.12 -17.99
CA LEU A 307 11.61 39.41 -18.23
C LEU A 307 11.82 40.04 -19.60
N GLN A 308 11.13 39.55 -20.62
CA GLN A 308 11.40 40.06 -21.97
C GLN A 308 11.03 41.55 -22.09
N PHE A 309 9.89 41.94 -21.54
CA PHE A 309 9.50 43.36 -21.61
C PHE A 309 10.41 44.22 -20.76
N ALA A 310 10.80 43.76 -19.57
CA ALA A 310 11.71 44.56 -18.77
C ALA A 310 13.03 44.77 -19.51
N TYR A 311 13.58 43.71 -20.09
CA TYR A 311 14.82 43.83 -20.84
C TYR A 311 14.67 44.77 -22.02
N TYR A 312 13.52 44.72 -22.70
CA TYR A 312 13.30 45.65 -23.80
C TYR A 312 13.32 47.09 -23.32
N ASN A 313 12.65 47.37 -22.21
CA ASN A 313 12.60 48.73 -21.70
C ASN A 313 13.98 49.21 -21.27
N ILE A 314 14.84 48.31 -20.80
CA ILE A 314 16.20 48.71 -20.45
C ILE A 314 16.96 49.16 -21.68
N GLY A 315 16.92 48.37 -22.75
CA GLY A 315 17.68 48.66 -23.94
C GLY A 315 18.56 47.51 -24.39
N ASN A 316 18.36 46.35 -23.79
CA ASN A 316 19.11 45.13 -24.10
C ASN A 316 18.26 44.23 -24.97
N TYR A 317 18.43 44.34 -26.30
CA TYR A 317 17.57 43.61 -27.23
C TYR A 317 17.95 42.14 -27.36
N THR A 318 19.23 41.80 -27.20
CA THR A 318 19.64 40.41 -27.38
C THR A 318 18.96 39.50 -26.37
N GLN A 319 19.01 39.88 -25.09
CA GLN A 319 18.30 39.11 -24.07
C GLN A 319 16.80 39.15 -24.30
N ALA A 320 16.28 40.24 -24.87
CA ALA A 320 14.85 40.32 -25.13
C ALA A 320 14.42 39.25 -26.13
N VAL A 321 15.14 39.13 -27.23
CA VAL A 321 14.76 38.11 -28.22
C VAL A 321 15.03 36.71 -27.67
N GLU A 322 16.08 36.55 -26.85
CA GLU A 322 16.30 35.24 -26.23
C GLU A 322 15.15 34.83 -25.32
N CYS A 323 14.64 35.77 -24.52
CA CYS A 323 13.55 35.44 -23.61
C CYS A 323 12.24 35.23 -24.36
N ALA A 324 12.01 36.00 -25.43
CA ALA A 324 10.84 35.73 -26.25
C ALA A 324 10.90 34.34 -26.87
N LYS A 325 12.08 33.94 -27.35
CA LYS A 325 12.21 32.62 -27.94
C LYS A 325 12.04 31.52 -26.91
N THR A 326 12.49 31.73 -25.67
CA THR A 326 12.27 30.69 -24.67
C THR A 326 10.85 30.71 -24.12
N TYR A 327 10.11 31.79 -24.29
CA TYR A 327 8.68 31.73 -23.99
C TYR A 327 7.93 30.96 -25.05
N LEU A 328 8.26 31.18 -26.32
CA LEU A 328 7.52 30.56 -27.40
C LEU A 328 7.68 29.04 -27.43
N LEU A 329 8.65 28.51 -26.69
CA LEU A 329 8.86 27.06 -26.65
C LEU A 329 7.83 26.35 -25.79
N PHE A 330 7.09 27.06 -24.95
CA PHE A 330 6.03 26.50 -24.14
C PHE A 330 4.67 26.66 -24.81
N PHE A 331 4.35 27.86 -25.28
CA PHE A 331 3.13 28.15 -26.03
C PHE A 331 3.55 28.55 -27.44
N PRO A 332 3.59 27.62 -28.39
CA PRO A 332 4.19 27.91 -29.70
C PRO A 332 3.28 28.60 -30.70
N ASN A 333 2.02 28.89 -30.36
CA ASN A 333 1.11 29.49 -31.32
C ASN A 333 0.54 30.82 -30.84
N ASP A 334 1.13 31.42 -29.82
CA ASP A 334 0.61 32.67 -29.27
C ASP A 334 0.73 33.77 -30.32
N GLU A 335 -0.28 34.63 -30.39
CA GLU A 335 -0.22 35.72 -31.36
C GLU A 335 0.55 36.92 -30.82
N VAL A 336 0.34 37.27 -29.55
CA VAL A 336 0.95 38.47 -28.99
C VAL A 336 2.46 38.34 -28.94
N MET A 337 2.96 37.21 -28.43
CA MET A 337 4.40 37.02 -28.34
C MET A 337 5.02 36.91 -29.71
N ASN A 338 4.31 36.33 -30.69
CA ASN A 338 4.84 36.28 -32.04
C ASN A 338 4.95 37.68 -32.64
N GLN A 339 3.97 38.53 -32.36
CA GLN A 339 4.07 39.93 -32.79
C GLN A 339 5.27 40.61 -32.16
N ASN A 340 5.49 40.38 -30.86
CA ASN A 340 6.63 40.98 -30.18
C ASN A 340 7.95 40.51 -30.78
N LEU A 341 8.05 39.21 -31.06
CA LEU A 341 9.28 38.69 -31.64
C LEU A 341 9.51 39.25 -33.03
N ALA A 342 8.46 39.37 -33.83
CA ALA A 342 8.61 39.95 -35.16
C ALA A 342 9.06 41.40 -35.08
N TYR A 343 8.51 42.17 -34.14
CA TYR A 343 8.93 43.56 -34.00
C TYR A 343 10.38 43.65 -33.57
N TYR A 344 10.80 42.82 -32.62
CA TYR A 344 12.21 42.82 -32.21
C TYR A 344 13.11 42.45 -33.38
N ALA A 345 12.72 41.44 -34.16
CA ALA A 345 13.55 40.98 -35.27
C ALA A 345 13.64 42.04 -36.36
N ALA A 346 12.55 42.75 -36.62
CA ALA A 346 12.61 43.88 -37.53
C ALA A 346 13.55 44.95 -37.01
N MET A 347 13.49 45.22 -35.71
CA MET A 347 14.40 46.20 -35.11
C MET A 347 15.84 45.69 -35.12
N LEU A 348 16.03 44.38 -35.00
CA LEU A 348 17.35 43.77 -35.06
C LEU A 348 17.68 43.37 -36.49
N GLY A 349 18.79 42.64 -36.66
CA GLY A 349 19.14 42.04 -37.92
C GLY A 349 18.80 40.56 -37.92
N GLU A 350 18.51 40.03 -39.10
CA GLU A 350 18.00 38.66 -39.19
C GLU A 350 19.05 37.62 -38.80
N GLU A 351 20.32 37.89 -39.11
CA GLU A 351 21.37 36.92 -38.78
C GLU A 351 21.50 36.76 -37.27
N HIS A 352 21.47 37.86 -36.52
CA HIS A 352 21.51 37.75 -35.07
C HIS A 352 20.30 36.99 -34.53
N THR A 353 19.11 37.30 -35.04
CA THR A 353 17.91 36.60 -34.56
C THR A 353 17.99 35.11 -34.82
N ARG A 354 18.43 34.72 -36.02
CA ARG A 354 18.59 33.32 -36.32
C ARG A 354 19.75 32.69 -35.55
N SER A 355 20.64 33.50 -34.98
CA SER A 355 21.74 32.94 -34.21
C SER A 355 21.27 32.39 -32.85
N ILE A 356 20.41 33.14 -32.16
CA ILE A 356 20.13 32.86 -30.75
C ILE A 356 19.03 31.82 -30.62
N GLY A 357 19.04 31.11 -29.50
CA GLY A 357 18.03 30.13 -29.20
C GLY A 357 17.55 30.26 -27.76
N PRO A 358 16.69 29.34 -27.34
CA PRO A 358 16.12 29.42 -25.99
C PRO A 358 17.11 29.05 -24.90
N ARG A 359 16.70 29.18 -23.64
CA ARG A 359 17.53 28.78 -22.51
C ARG A 359 17.52 27.26 -22.35
N GLU A 360 18.67 26.72 -21.93
CA GLU A 360 18.82 25.27 -21.85
C GLU A 360 18.17 24.67 -20.61
N SER A 361 18.14 25.39 -19.50
CA SER A 361 17.44 24.90 -18.33
C SER A 361 15.96 24.69 -18.63
N ALA A 362 15.35 25.62 -19.38
CA ALA A 362 13.97 25.45 -19.80
C ALA A 362 13.79 24.21 -20.68
N LYS A 363 14.74 23.95 -21.58
CA LYS A 363 14.64 22.78 -22.45
C LYS A 363 14.66 21.49 -21.65
N GLU A 364 15.63 21.35 -20.72
CA GLU A 364 15.70 20.15 -19.92
C GLU A 364 14.44 19.98 -19.06
N TYR A 365 13.97 21.08 -18.46
CA TYR A 365 12.73 21.06 -17.69
C TYR A 365 11.58 20.51 -18.53
N ARG A 366 11.40 21.06 -19.73
CA ARG A 366 10.27 20.68 -20.56
C ARG A 366 10.35 19.23 -21.00
N GLN A 367 11.53 18.76 -21.38
CA GLN A 367 11.65 17.39 -21.86
C GLN A 367 11.33 16.38 -20.76
N ARG A 368 11.90 16.58 -19.57
CA ARG A 368 11.61 15.66 -18.49
C ARG A 368 10.13 15.68 -18.14
N SER A 369 9.51 16.86 -18.12
CA SER A 369 8.10 16.92 -17.78
C SER A 369 7.24 16.17 -18.79
N LEU A 370 7.55 16.30 -20.07
CA LEU A 370 6.75 15.61 -21.09
C LEU A 370 6.85 14.10 -20.94
N LEU A 371 8.06 13.58 -20.67
CA LEU A 371 8.19 12.12 -20.51
C LEU A 371 7.40 11.62 -19.29
N GLU A 372 7.49 12.34 -18.17
CA GLU A 372 6.74 11.91 -16.99
C GLU A 372 5.24 11.95 -17.24
N LYS A 373 4.75 12.98 -17.92
CA LYS A 373 3.31 13.08 -18.20
C LYS A 373 2.85 11.96 -19.12
N GLU A 374 3.67 11.58 -20.09
CA GLU A 374 3.34 10.44 -20.94
C GLU A 374 3.14 9.18 -20.12
N LEU A 375 4.07 8.90 -19.21
CA LEU A 375 3.94 7.71 -18.37
C LEU A 375 2.68 7.75 -17.50
N LEU A 376 2.38 8.91 -16.92
CA LEU A 376 1.22 9.01 -16.05
C LEU A 376 -0.09 8.87 -16.82
N PHE A 377 -0.17 9.43 -18.02
CA PHE A 377 -1.39 9.27 -18.81
C PHE A 377 -1.57 7.82 -19.26
N PHE A 378 -0.47 7.14 -19.58
CA PHE A 378 -0.58 5.72 -19.90
C PHE A 378 -1.15 4.93 -18.72
N ALA A 379 -0.64 5.17 -17.51
CA ALA A 379 -1.17 4.46 -16.34
C ALA A 379 -2.64 4.78 -16.12
N TYR A 380 -3.05 6.04 -16.34
CA TYR A 380 -4.46 6.38 -16.23
C TYR A 380 -5.31 5.62 -17.23
N ASP A 381 -4.85 5.50 -18.47
CA ASP A 381 -5.60 4.78 -19.48
C ASP A 381 -5.75 3.31 -19.12
N VAL A 382 -4.69 2.69 -18.61
CA VAL A 382 -4.68 1.23 -18.48
C VAL A 382 -5.10 0.74 -17.10
N PHE A 383 -4.48 1.25 -16.04
CA PHE A 383 -4.77 0.77 -14.70
C PHE A 383 -5.89 1.52 -14.01
N GLY A 384 -6.44 2.56 -14.62
CA GLY A 384 -7.50 3.34 -14.01
C GLY A 384 -7.11 4.12 -12.77
N ILE A 385 -5.91 4.71 -12.75
CA ILE A 385 -5.41 5.50 -11.64
C ILE A 385 -5.42 6.97 -12.08
N PRO A 386 -6.28 7.81 -11.53
CA PRO A 386 -6.51 9.13 -12.13
C PRO A 386 -5.32 10.06 -12.00
N PHE A 387 -5.16 10.91 -13.02
CA PHE A 387 -4.10 11.90 -13.07
C PHE A 387 -4.67 13.22 -13.58
N VAL A 388 -4.49 14.28 -12.80
CA VAL A 388 -4.97 15.61 -13.15
C VAL A 388 -3.76 16.49 -13.46
N ASP A 389 -3.68 16.95 -14.69
CA ASP A 389 -2.51 17.65 -15.19
C ASP A 389 -2.35 19.01 -14.54
N PRO A 390 -1.20 19.33 -13.96
CA PRO A 390 -1.01 20.65 -13.35
C PRO A 390 -0.52 21.75 -14.30
N ASP A 391 -0.30 21.44 -15.57
CA ASP A 391 0.25 22.39 -16.52
C ASP A 391 -0.72 22.59 -17.66
N SER A 392 -0.79 23.81 -18.17
CA SER A 392 -1.67 24.15 -19.28
C SER A 392 -0.94 24.28 -20.61
N TRP A 393 0.33 23.88 -20.68
CA TRP A 393 1.09 23.91 -21.92
C TRP A 393 1.32 22.53 -22.51
N THR A 394 0.63 21.51 -22.02
CA THR A 394 0.86 20.15 -22.49
C THR A 394 0.26 19.97 -23.88
N PRO A 395 1.02 19.51 -24.86
CA PRO A 395 0.43 19.23 -26.17
C PRO A 395 -0.51 18.04 -26.10
N GLU A 396 -1.48 18.01 -27.01
CA GLU A 396 -2.48 16.95 -27.00
C GLU A 396 -1.94 15.62 -27.51
N GLU A 397 -0.73 15.58 -28.06
CA GLU A 397 -0.20 14.35 -28.62
C GLU A 397 0.20 13.33 -27.56
N VAL A 398 0.33 13.75 -26.29
CA VAL A 398 0.76 12.83 -25.24
C VAL A 398 -0.39 12.17 -24.50
N ILE A 399 -1.62 12.32 -24.98
CA ILE A 399 -2.79 11.72 -24.36
C ILE A 399 -3.35 10.64 -25.28
N PRO A 400 -3.61 9.43 -24.79
CA PRO A 400 -4.14 8.38 -25.66
C PRO A 400 -5.55 8.72 -26.16
N LYS A 401 -6.04 7.91 -27.10
CA LYS A 401 -7.26 8.27 -27.82
C LYS A 401 -8.51 8.11 -26.95
N ARG A 402 -8.54 7.10 -26.09
CA ARG A 402 -9.70 6.90 -25.23
C ARG A 402 -9.91 8.09 -24.31
N LEU A 403 -8.84 8.58 -23.69
CA LEU A 403 -8.96 9.72 -22.79
C LEU A 403 -9.37 10.97 -23.54
N GLN A 404 -8.91 11.14 -24.78
CA GLN A 404 -9.33 12.28 -25.57
C GLN A 404 -10.83 12.23 -25.88
N GLU A 405 -11.35 11.04 -26.21
CA GLU A 405 -12.79 10.93 -26.41
C GLU A 405 -13.57 11.31 -25.14
N LYS A 406 -13.10 10.82 -23.99
CA LYS A 406 -13.79 11.14 -22.75
C LYS A 406 -13.77 12.64 -22.46
N GLN A 407 -12.63 13.29 -22.68
CA GLN A 407 -12.54 14.73 -22.43
C GLN A 407 -13.45 15.51 -23.36
N LYS A 408 -13.54 15.10 -24.62
CA LYS A 408 -14.45 15.77 -25.54
C LYS A 408 -15.90 15.64 -25.09
N SER A 409 -16.29 14.45 -24.63
CA SER A 409 -17.65 14.27 -24.14
C SER A 409 -17.94 15.17 -22.95
N GLU A 410 -16.99 15.27 -22.01
CA GLU A 410 -17.18 16.15 -20.86
C GLU A 410 -17.33 17.61 -21.28
N ARG A 411 -16.53 18.06 -22.23
CA ARG A 411 -16.65 19.44 -22.72
C ARG A 411 -18.03 19.68 -23.33
N GLU A 412 -18.50 18.74 -24.15
CA GLU A 412 -19.81 18.90 -24.78
C GLU A 412 -20.92 18.98 -23.76
N THR A 413 -20.88 18.12 -22.73
CA THR A 413 -21.95 18.16 -21.75
C THR A 413 -21.91 19.44 -20.93
N ALA A 414 -20.72 19.97 -20.64
CA ALA A 414 -20.65 21.23 -19.91
C ALA A 414 -21.28 22.37 -20.72
N VAL A 415 -20.97 22.43 -22.01
CA VAL A 415 -21.56 23.47 -22.85
C VAL A 415 -23.08 23.34 -22.92
N ARG A 416 -23.57 22.10 -23.06
CA ARG A 416 -25.02 21.89 -23.13
C ARG A 416 -25.70 22.35 -21.84
N ILE A 417 -25.14 22.02 -20.69
CA ILE A 417 -25.76 22.42 -19.42
C ILE A 417 -25.79 23.94 -19.31
N SER A 418 -24.70 24.61 -19.70
CA SER A 418 -24.68 26.06 -19.63
C SER A 418 -25.74 26.68 -20.52
N GLN A 419 -25.90 26.16 -21.74
CA GLN A 419 -26.94 26.68 -22.63
C GLN A 419 -28.33 26.49 -22.05
N GLU A 420 -28.59 25.33 -21.45
CA GLU A 420 -29.90 25.08 -20.84
C GLU A 420 -30.17 26.06 -19.71
N ILE A 421 -29.17 26.30 -18.86
CA ILE A 421 -29.37 27.25 -17.76
C ILE A 421 -29.62 28.65 -18.30
N GLY A 422 -28.91 29.03 -19.36
CA GLY A 422 -29.16 30.33 -19.97
C GLY A 422 -30.57 30.48 -20.49
N ASN A 423 -31.08 29.44 -21.16
CA ASN A 423 -32.44 29.48 -21.65
C ASN A 423 -33.44 29.60 -20.49
N LEU A 424 -33.20 28.86 -19.41
CA LEU A 424 -34.11 28.90 -18.27
C LEU A 424 -34.12 30.28 -17.62
N MET A 425 -32.93 30.87 -17.44
CA MET A 425 -32.85 32.20 -16.84
C MET A 425 -33.46 33.26 -17.76
N LYS A 426 -33.37 33.04 -19.07
CA LYS A 426 -34.09 33.90 -20.01
C LYS A 426 -35.60 33.76 -19.82
N GLU A 427 -36.08 32.51 -19.68
CA GLU A 427 -37.49 32.26 -19.47
C GLU A 427 -37.98 32.79 -18.13
N ILE A 428 -37.07 33.09 -17.21
CA ILE A 428 -37.43 33.80 -15.98
C ILE A 428 -38.15 35.12 -16.32
N LEU A 440 -32.38 33.56 -3.39
CA LEU A 440 -32.98 32.27 -3.03
C LEU A 440 -33.79 31.66 -4.15
N ASP A 441 -34.78 32.42 -4.65
CA ASP A 441 -35.62 31.89 -5.73
C ASP A 441 -34.81 31.60 -6.98
N VAL A 442 -33.85 32.47 -7.30
CA VAL A 442 -32.95 32.19 -8.41
C VAL A 442 -32.13 30.94 -8.13
N SER A 443 -31.65 30.79 -6.88
CA SER A 443 -31.01 29.55 -6.49
C SER A 443 -31.99 28.38 -6.52
N ARG A 444 -33.22 28.61 -6.05
CA ARG A 444 -34.21 27.54 -6.01
C ARG A 444 -34.69 27.13 -7.39
N LEU A 445 -34.34 27.87 -8.43
CA LEU A 445 -34.79 27.55 -9.77
C LEU A 445 -33.67 27.13 -10.71
N THR A 446 -32.56 27.87 -10.77
CA THR A 446 -31.54 27.56 -11.75
C THR A 446 -30.82 26.26 -11.46
N ARG A 447 -30.81 25.81 -10.21
CA ARG A 447 -30.04 24.63 -9.81
C ARG A 447 -30.89 23.63 -9.02
N GLU A 448 -32.17 23.53 -9.32
CA GLU A 448 -32.98 22.57 -8.58
C GLU A 448 -33.82 21.67 -9.48
N GLY A 449 -34.31 22.16 -10.61
CA GLY A 449 -35.11 21.33 -11.48
C GLY A 449 -34.24 20.33 -12.24
N GLY A 450 -34.73 19.11 -12.35
CA GLY A 450 -33.97 18.06 -12.98
C GLY A 450 -34.82 17.09 -13.76
N PRO A 451 -34.27 16.56 -14.83
CA PRO A 451 -35.05 15.66 -15.71
C PRO A 451 -35.53 14.35 -15.09
N LEU A 452 -34.82 13.78 -14.12
CA LEU A 452 -35.23 12.52 -13.48
C LEU A 452 -35.33 11.39 -14.51
N LEU A 453 -34.17 10.99 -15.01
CA LEU A 453 -34.08 10.26 -16.28
C LEU A 453 -35.01 9.05 -16.32
N TYR A 454 -34.94 8.20 -15.30
CA TYR A 454 -35.62 6.91 -15.35
C TYR A 454 -37.12 7.07 -15.16
N GLU A 455 -37.85 6.00 -15.44
CA GLU A 455 -39.30 6.02 -15.31
C GLU A 455 -39.75 5.39 -14.00
N GLY A 456 -40.87 5.89 -13.48
CA GLY A 456 -41.38 5.49 -12.20
C GLY A 456 -40.88 6.31 -11.03
N ILE A 457 -39.93 7.21 -11.25
CA ILE A 457 -39.35 8.04 -10.21
C ILE A 457 -40.15 9.33 -10.17
N SER A 458 -40.72 9.64 -9.00
CA SER A 458 -41.58 10.79 -8.84
C SER A 458 -41.04 11.73 -7.78
N LEU A 459 -41.22 13.01 -8.00
CA LEU A 459 -40.73 14.06 -7.11
C LEU A 459 -41.74 14.22 -5.98
N THR A 460 -41.43 13.68 -4.81
CA THR A 460 -42.38 13.72 -3.70
C THR A 460 -42.36 15.08 -3.00
N MET A 461 -41.19 15.57 -2.61
CA MET A 461 -41.05 16.88 -2.02
C MET A 461 -39.85 17.59 -2.63
N ASN A 462 -40.06 18.82 -3.10
CA ASN A 462 -38.97 19.64 -3.59
C ASN A 462 -38.41 20.47 -2.45
N SER A 463 -37.56 21.44 -2.76
CA SER A 463 -36.84 22.15 -1.71
C SER A 463 -37.75 23.09 -0.94
N LYS A 464 -38.69 23.75 -1.64
CA LYS A 464 -39.55 24.73 -0.98
C LYS A 464 -40.43 24.07 0.08
N LEU A 465 -40.98 22.89 -0.23
CA LEU A 465 -41.79 22.16 0.74
C LEU A 465 -40.95 21.55 1.86
N LEU A 466 -39.63 21.58 1.73
CA LEU A 466 -38.74 21.02 2.75
C LEU A 466 -38.01 22.10 3.54
N ASN A 467 -38.32 23.37 3.31
CA ASN A 467 -37.81 24.50 4.10
C ASN A 467 -36.28 24.57 4.04
N GLY A 468 -35.76 24.87 2.85
CA GLY A 468 -34.34 25.10 2.70
C GLY A 468 -33.94 25.10 1.24
N SER A 469 -32.64 24.93 1.01
CA SER A 469 -32.06 24.88 -0.31
C SER A 469 -31.22 23.61 -0.46
N GLN A 470 -31.16 23.09 -1.68
CA GLN A 470 -30.44 21.85 -2.00
C GLN A 470 -31.02 20.68 -1.22
N ARG A 471 -32.30 20.43 -1.43
CA ARG A 471 -33.02 19.34 -0.76
C ARG A 471 -33.99 18.72 -1.73
N VAL A 472 -34.20 17.42 -1.59
CA VAL A 472 -35.18 16.73 -2.42
C VAL A 472 -35.48 15.39 -1.77
N VAL A 473 -36.71 14.92 -1.95
CA VAL A 473 -37.13 13.59 -1.53
C VAL A 473 -37.86 12.95 -2.70
N MET A 474 -37.36 11.82 -3.17
CA MET A 474 -37.93 11.11 -4.31
C MET A 474 -38.50 9.78 -3.88
N ASP A 475 -39.37 9.22 -4.70
CA ASP A 475 -40.02 7.95 -4.40
C ASP A 475 -39.97 7.03 -5.61
N GLY A 476 -39.88 5.74 -5.33
CA GLY A 476 -39.80 4.74 -6.39
C GLY A 476 -38.49 4.66 -7.11
N VAL A 477 -37.36 4.79 -6.40
CA VAL A 477 -36.07 4.57 -7.03
C VAL A 477 -35.86 3.10 -7.37
N ILE A 478 -36.29 2.21 -6.47
CA ILE A 478 -36.31 0.78 -6.76
C ILE A 478 -37.64 0.19 -6.30
N SER A 479 -37.93 -1.01 -6.80
CA SER A 479 -39.18 -1.69 -6.53
C SER A 479 -39.13 -2.41 -5.19
N ASP A 480 -40.07 -3.35 -4.96
CA ASP A 480 -40.08 -4.11 -3.71
C ASP A 480 -39.18 -5.33 -3.77
N HIS A 481 -39.10 -5.98 -4.94
CA HIS A 481 -38.24 -7.16 -5.08
C HIS A 481 -36.78 -6.80 -4.87
N GLU A 482 -36.35 -5.67 -5.43
CA GLU A 482 -34.97 -5.21 -5.22
C GLU A 482 -34.71 -4.97 -3.74
N CYS A 483 -35.67 -4.36 -3.05
CA CYS A 483 -35.50 -4.11 -1.62
C CYS A 483 -35.34 -5.42 -0.86
N GLN A 484 -36.18 -6.41 -1.19
CA GLN A 484 -36.08 -7.71 -0.51
C GLN A 484 -34.73 -8.36 -0.77
N GLU A 485 -34.26 -8.31 -2.02
CA GLU A 485 -32.98 -8.92 -2.35
C GLU A 485 -31.82 -8.25 -1.62
N LEU A 486 -31.83 -6.92 -1.55
CA LEU A 486 -30.76 -6.23 -0.83
C LEU A 486 -30.83 -6.51 0.67
N GLN A 487 -32.05 -6.62 1.21
CA GLN A 487 -32.22 -7.00 2.61
C GLN A 487 -31.62 -8.37 2.89
N ARG A 488 -31.83 -9.32 1.98
CA ARG A 488 -31.23 -10.64 2.15
C ARG A 488 -29.71 -10.56 2.09
N LEU A 489 -29.20 -9.75 1.17
CA LEU A 489 -27.74 -9.57 1.07
C LEU A 489 -27.16 -9.07 2.39
N THR A 490 -27.80 -8.10 3.02
CA THR A 490 -27.24 -7.58 4.26
C THR A 490 -27.51 -8.48 5.46
N ASN A 491 -28.60 -9.23 5.47
CA ASN A 491 -28.86 -10.13 6.59
C ASN A 491 -27.89 -11.32 6.59
N VAL A 492 -27.66 -11.93 5.43
CA VAL A 492 -26.78 -13.10 5.38
C VAL A 492 -25.35 -12.73 5.73
N ALA A 493 -24.83 -11.66 5.12
CA ALA A 493 -23.47 -11.20 5.39
C ALA A 493 -23.51 -10.25 6.57
N ALA A 494 -23.16 -10.75 7.75
CA ALA A 494 -23.27 -9.97 8.97
C ALA A 494 -22.19 -10.36 9.99
N TYR A 514 -22.75 -2.87 10.61
CA TYR A 514 -22.79 -3.98 9.66
C TYR A 514 -22.42 -3.49 8.26
N GLY A 515 -21.56 -2.48 8.19
CA GLY A 515 -21.24 -1.85 6.92
C GLY A 515 -20.57 -2.83 5.98
N VAL A 516 -21.18 -3.06 4.82
CA VAL A 516 -20.59 -3.88 3.77
C VAL A 516 -20.50 -3.03 2.51
N THR A 517 -19.29 -2.91 1.99
CA THR A 517 -19.02 -2.11 0.79
C THR A 517 -19.35 -2.93 -0.45
N VAL A 518 -19.43 -2.27 -1.60
CA VAL A 518 -19.79 -2.96 -2.83
C VAL A 518 -18.69 -3.91 -3.26
N PHE A 519 -17.43 -3.52 -3.08
CA PHE A 519 -16.32 -4.41 -3.41
C PHE A 519 -16.31 -5.64 -2.51
N LYS A 520 -16.56 -5.44 -1.21
CA LYS A 520 -16.62 -6.58 -0.30
C LYS A 520 -17.79 -7.48 -0.61
N ALA A 521 -18.93 -6.91 -0.99
CA ALA A 521 -20.07 -7.74 -1.38
C ALA A 521 -19.75 -8.55 -2.62
N LEU A 522 -19.05 -7.96 -3.59
CA LEU A 522 -18.68 -8.71 -4.79
C LEU A 522 -17.72 -9.85 -4.47
N LYS A 523 -16.73 -9.60 -3.61
CA LYS A 523 -15.83 -10.67 -3.21
C LYS A 523 -16.58 -11.79 -2.49
N LEU A 524 -17.47 -11.43 -1.57
CA LEU A 524 -18.25 -12.45 -0.86
C LEU A 524 -19.10 -13.27 -1.81
N GLY A 525 -19.71 -12.62 -2.79
CA GLY A 525 -20.46 -13.36 -3.79
C GLY A 525 -19.58 -14.28 -4.62
N GLN A 526 -18.36 -13.85 -4.91
CA GLN A 526 -17.43 -14.70 -5.65
C GLN A 526 -17.09 -15.95 -4.86
N GLU A 527 -16.82 -15.81 -3.56
CA GLU A 527 -16.49 -16.97 -2.75
C GLU A 527 -17.65 -17.96 -2.68
N GLY A 528 -18.87 -17.47 -2.54
CA GLY A 528 -20.04 -18.31 -2.40
C GLY A 528 -20.87 -18.06 -1.17
N LYS A 529 -20.52 -17.08 -0.32
CA LYS A 529 -21.24 -16.88 0.93
C LYS A 529 -22.58 -16.17 0.71
N VAL A 530 -22.65 -15.31 -0.31
CA VAL A 530 -23.88 -14.56 -0.60
C VAL A 530 -24.24 -14.79 -2.06
N PRO A 531 -25.51 -14.65 -2.45
CA PRO A 531 -25.85 -14.81 -3.86
C PRO A 531 -25.17 -13.73 -4.70
N LEU A 532 -24.88 -14.07 -5.97
CA LEU A 532 -24.18 -13.12 -6.82
C LEU A 532 -25.12 -12.13 -7.49
N GLN A 533 -26.37 -12.52 -7.73
CA GLN A 533 -27.35 -11.57 -8.26
C GLN A 533 -27.52 -10.39 -7.32
N SER A 534 -27.47 -10.64 -6.00
CA SER A 534 -27.59 -9.56 -5.04
C SER A 534 -26.43 -8.57 -5.17
N ALA A 535 -25.21 -9.07 -5.29
CA ALA A 535 -24.07 -8.18 -5.42
C ALA A 535 -24.15 -7.35 -6.71
N HIS A 536 -24.52 -7.99 -7.81
CA HIS A 536 -24.65 -7.24 -9.05
C HIS A 536 -25.75 -6.19 -8.96
N LEU A 537 -26.86 -6.52 -8.31
CA LEU A 537 -27.93 -5.54 -8.14
C LEU A 537 -27.49 -4.38 -7.27
N TYR A 538 -26.72 -4.65 -6.22
CA TYR A 538 -26.16 -3.59 -5.39
C TYR A 538 -25.33 -2.62 -6.21
N TYR A 539 -24.44 -3.16 -7.04
CA TYR A 539 -23.61 -2.32 -7.90
C TYR A 539 -24.47 -1.48 -8.84
N ASN A 540 -25.47 -2.11 -9.46
CA ASN A 540 -26.32 -1.41 -10.41
C ASN A 540 -27.07 -0.26 -9.74
N VAL A 541 -27.62 -0.50 -8.55
CA VAL A 541 -28.45 0.53 -7.93
C VAL A 541 -27.58 1.69 -7.47
N THR A 542 -26.36 1.41 -7.02
CA THR A 542 -25.48 2.51 -6.65
C THR A 542 -25.18 3.41 -7.84
N GLU A 543 -24.84 2.83 -8.98
CA GLU A 543 -24.55 3.66 -10.16
C GLU A 543 -25.78 4.41 -10.63
N LYS A 544 -26.96 3.77 -10.55
CA LYS A 544 -28.19 4.45 -10.94
C LYS A 544 -28.47 5.66 -10.07
N VAL A 545 -28.29 5.54 -8.76
CA VAL A 545 -28.51 6.67 -7.87
C VAL A 545 -27.54 7.80 -8.20
N ARG A 546 -26.28 7.46 -8.48
CA ARG A 546 -25.32 8.50 -8.84
C ARG A 546 -25.78 9.28 -10.05
N ARG A 547 -26.23 8.59 -11.10
CA ARG A 547 -26.65 9.28 -12.31
C ARG A 547 -27.87 10.15 -12.08
N ILE A 548 -28.87 9.64 -11.36
CA ILE A 548 -30.08 10.44 -11.16
C ILE A 548 -29.78 11.67 -10.31
N MET A 549 -28.94 11.52 -9.29
CA MET A 549 -28.64 12.67 -8.44
C MET A 549 -27.77 13.70 -9.16
N GLU A 550 -26.89 13.25 -10.05
CA GLU A 550 -26.11 14.21 -10.82
C GLU A 550 -26.96 14.95 -11.83
N SER A 551 -28.00 14.29 -12.36
CA SER A 551 -28.85 14.97 -13.33
C SER A 551 -29.85 15.91 -12.67
N TYR A 552 -30.28 15.64 -11.44
CA TYR A 552 -31.29 16.49 -10.83
C TYR A 552 -30.78 17.89 -10.53
N PHE A 553 -29.54 17.99 -10.06
CA PHE A 553 -28.99 19.23 -9.51
C PHE A 553 -28.32 20.11 -10.55
N ARG A 554 -28.38 19.75 -11.83
CA ARG A 554 -27.84 20.55 -12.92
C ARG A 554 -26.36 20.84 -12.73
N LEU A 555 -25.56 19.78 -12.80
CA LEU A 555 -24.13 19.86 -12.60
C LEU A 555 -23.41 19.77 -13.95
N ASP A 556 -22.55 20.76 -14.23
CA ASP A 556 -21.74 20.72 -15.43
C ASP A 556 -20.50 19.86 -15.27
N THR A 557 -19.91 19.86 -14.08
CA THR A 557 -18.79 18.98 -13.79
C THR A 557 -19.29 17.55 -13.67
N PRO A 558 -18.46 16.55 -13.98
CA PRO A 558 -18.81 15.18 -13.64
C PRO A 558 -18.74 14.94 -12.14
N LEU A 559 -19.47 13.93 -11.68
CA LEU A 559 -19.59 13.58 -10.28
C LEU A 559 -18.92 12.23 -10.04
N TYR A 560 -18.13 12.15 -8.97
CA TYR A 560 -17.36 10.95 -8.68
C TYR A 560 -17.82 10.36 -7.35
N PHE A 561 -17.57 9.07 -7.19
CA PHE A 561 -17.89 8.41 -5.93
C PHE A 561 -16.89 8.81 -4.86
N SER A 562 -17.34 8.76 -3.61
CA SER A 562 -16.43 8.88 -2.49
C SER A 562 -16.47 7.68 -1.57
N TYR A 563 -17.65 7.28 -1.11
CA TYR A 563 -17.78 6.15 -0.21
C TYR A 563 -19.23 5.68 -0.27
N SER A 564 -19.45 4.43 0.15
CA SER A 564 -20.80 3.86 0.20
C SER A 564 -20.76 2.60 1.04
N HIS A 565 -21.81 2.40 1.85
CA HIS A 565 -21.91 1.14 2.58
C HIS A 565 -23.38 0.84 2.86
N LEU A 566 -23.64 -0.44 3.13
CA LEU A 566 -24.97 -0.93 3.47
C LEU A 566 -24.97 -1.30 4.95
N VAL A 567 -25.90 -0.73 5.71
CA VAL A 567 -25.88 -0.83 7.16
C VAL A 567 -27.27 -1.17 7.66
N CYS A 568 -27.34 -2.02 8.70
CA CYS A 568 -28.58 -2.36 9.38
C CYS A 568 -28.47 -2.02 10.86
N ARG A 569 -29.52 -1.42 11.40
CA ARG A 569 -29.55 -1.00 12.80
C ARG A 569 -30.61 -1.79 13.55
N THR A 570 -30.23 -2.37 14.68
CA THR A 570 -31.11 -3.21 15.48
C THR A 570 -31.42 -2.52 16.80
N ALA A 571 -32.65 -2.68 17.27
CA ALA A 571 -33.04 -2.15 18.57
C ALA A 571 -32.95 -3.25 19.62
N ILE A 572 -32.33 -2.92 20.76
CA ILE A 572 -32.23 -3.85 21.89
C ILE A 572 -33.17 -3.37 22.98
N GLU A 573 -34.12 -4.22 23.37
CA GLU A 573 -35.14 -3.84 24.33
C GLU A 573 -34.67 -3.91 25.78
N GLU A 574 -33.52 -4.51 26.04
CA GLU A 574 -33.02 -4.65 27.40
C GLU A 574 -32.07 -3.53 27.81
N VAL A 575 -31.77 -2.60 26.90
CA VAL A 575 -30.91 -1.47 27.19
C VAL A 575 -31.64 -0.14 26.97
N GLN A 576 -32.97 -0.18 26.99
CA GLN A 576 -33.78 1.02 26.76
C GLN A 576 -34.09 1.76 28.05
N ALA A 577 -33.54 1.33 29.18
CA ALA A 577 -33.88 1.92 30.46
C ALA A 577 -33.34 3.35 30.56
N GLU A 578 -34.23 4.29 30.87
CA GLU A 578 -33.88 5.69 31.13
C GLU A 578 -33.09 6.29 29.97
N ARG A 579 -33.46 5.90 28.75
CA ARG A 579 -32.69 6.27 27.56
C ARG A 579 -33.27 7.55 26.96
N LYS A 580 -33.10 8.64 27.69
CA LYS A 580 -33.56 9.96 27.24
C LYS A 580 -32.55 10.66 26.34
N ASP A 581 -31.30 10.20 26.29
CA ASP A 581 -30.32 10.84 25.43
C ASP A 581 -30.56 10.47 23.98
N ASP A 582 -30.32 11.43 23.08
CA ASP A 582 -30.49 11.18 21.66
C ASP A 582 -29.46 10.17 21.17
N SER A 583 -29.84 9.43 20.13
CA SER A 583 -28.92 8.42 19.58
C SER A 583 -27.69 9.07 18.97
N HIS A 584 -27.87 10.15 18.20
CA HIS A 584 -26.78 10.80 17.49
C HIS A 584 -26.97 12.31 17.50
N PRO A 585 -25.91 13.06 17.77
CA PRO A 585 -26.03 14.53 17.73
C PRO A 585 -26.05 15.04 16.30
N VAL A 586 -26.59 16.25 16.16
CA VAL A 586 -26.59 16.93 14.87
C VAL A 586 -25.16 17.12 14.40
N HIS A 587 -24.92 16.90 13.11
CA HIS A 587 -23.59 17.07 12.55
C HIS A 587 -23.72 17.58 11.12
N VAL A 588 -22.57 17.83 10.50
CA VAL A 588 -22.48 18.25 9.12
C VAL A 588 -21.41 17.41 8.45
N ASP A 589 -21.74 16.80 7.31
CA ASP A 589 -20.85 15.81 6.72
C ASP A 589 -19.55 16.43 6.20
N ASN A 590 -19.48 17.75 6.11
CA ASN A 590 -18.33 18.45 5.53
C ASN A 590 -17.31 18.88 6.57
N CYS A 591 -17.72 19.70 7.53
CA CYS A 591 -16.85 20.23 8.57
C CYS A 591 -17.39 19.87 9.94
N ILE A 592 -16.67 20.30 10.97
CA ILE A 592 -17.02 20.00 12.36
C ILE A 592 -17.98 21.07 12.88
N LEU A 593 -19.08 20.64 13.48
CA LEU A 593 -20.10 21.58 13.94
C LEU A 593 -19.73 22.14 15.31
N ASN A 594 -19.37 23.42 15.35
CA ASN A 594 -19.18 24.13 16.61
C ASN A 594 -20.43 24.94 16.91
N ALA A 595 -21.39 24.26 17.55
CA ALA A 595 -22.66 24.90 17.87
C ALA A 595 -22.51 25.96 18.94
N GLU A 596 -21.37 25.99 19.64
CA GLU A 596 -21.18 26.98 20.69
C GLU A 596 -21.12 28.38 20.12
N THR A 597 -20.43 28.56 18.99
CA THR A 597 -20.32 29.85 18.33
C THR A 597 -21.11 29.88 17.02
N LEU A 598 -21.79 28.78 16.69
CA LEU A 598 -22.59 28.68 15.48
C LEU A 598 -21.73 28.94 14.24
N VAL A 599 -20.63 28.19 14.16
CA VAL A 599 -19.69 28.28 13.04
C VAL A 599 -19.30 26.87 12.60
N CYS A 600 -18.50 26.78 11.55
CA CYS A 600 -18.01 25.49 11.07
C CYS A 600 -16.58 25.68 10.59
N VAL A 601 -15.71 24.73 10.91
CA VAL A 601 -14.31 24.79 10.50
C VAL A 601 -13.98 23.58 9.64
N LYS A 602 -13.63 23.83 8.38
CA LYS A 602 -13.22 22.77 7.45
C LYS A 602 -11.78 22.39 7.78
N GLU A 603 -11.60 21.26 8.45
CA GLU A 603 -10.30 20.88 8.95
C GLU A 603 -9.99 19.45 8.54
N PRO A 604 -8.71 19.12 8.38
CA PRO A 604 -8.33 17.80 7.87
C PRO A 604 -8.83 16.63 8.70
N PRO A 605 -9.15 16.80 9.99
CA PRO A 605 -9.85 15.72 10.70
C PRO A 605 -11.21 15.37 10.12
N ALA A 606 -11.85 16.27 9.38
CA ALA A 606 -13.12 16.01 8.74
C ALA A 606 -12.91 15.80 7.25
N TYR A 607 -13.90 15.18 6.61
CA TYR A 607 -13.82 14.85 5.19
C TYR A 607 -14.28 16.05 4.37
N THR A 608 -13.35 16.93 4.05
CA THR A 608 -13.71 18.23 3.49
C THR A 608 -13.97 18.21 2.00
N PHE A 609 -13.76 17.08 1.34
CA PHE A 609 -13.95 16.99 -0.10
C PHE A 609 -15.36 16.53 -0.49
N ARG A 610 -16.11 15.97 0.44
CA ARG A 610 -17.46 15.49 0.15
C ARG A 610 -18.37 16.66 -0.21
N ASP A 611 -19.21 16.45 -1.21
CA ASP A 611 -20.05 17.53 -1.73
C ASP A 611 -21.53 17.23 -1.67
N TYR A 612 -21.97 16.03 -2.05
CA TYR A 612 -23.39 15.68 -2.04
C TYR A 612 -23.59 14.39 -1.27
N SER A 613 -24.78 14.26 -0.67
CA SER A 613 -25.13 13.11 0.14
C SER A 613 -26.49 12.57 -0.28
N ALA A 614 -26.68 11.27 -0.10
CA ALA A 614 -27.94 10.63 -0.46
C ALA A 614 -28.14 9.40 0.41
N ILE A 615 -29.40 9.12 0.73
CA ILE A 615 -29.78 7.93 1.47
C ILE A 615 -31.02 7.34 0.82
N LEU A 616 -31.05 6.03 0.63
CA LEU A 616 -32.26 5.35 0.17
C LEU A 616 -32.61 4.22 1.13
N TYR A 617 -33.88 4.15 1.50
CA TYR A 617 -34.37 3.22 2.50
C TYR A 617 -35.00 2.01 1.84
N LEU A 618 -34.85 0.86 2.50
CA LEU A 618 -35.23 -0.42 1.92
C LEU A 618 -36.39 -1.10 2.62
N ASN A 619 -36.78 -0.65 3.81
CA ASN A 619 -37.96 -1.20 4.47
C ASN A 619 -38.60 -0.14 5.33
N GLY A 620 -39.87 -0.36 5.67
CA GLY A 620 -40.60 0.57 6.52
C GLY A 620 -41.35 -0.11 7.65
N ASP A 621 -40.94 -1.32 8.00
CA ASP A 621 -41.59 -2.14 9.03
C ASP A 621 -40.98 -1.97 10.42
N PHE A 622 -40.79 -0.72 10.85
CA PHE A 622 -40.30 -0.45 12.19
C PHE A 622 -40.98 0.79 12.73
N ASP A 623 -40.58 1.20 13.93
CA ASP A 623 -41.09 2.39 14.58
C ASP A 623 -39.94 3.27 15.06
N GLY A 624 -40.06 4.58 14.83
CA GLY A 624 -38.99 5.50 15.11
C GLY A 624 -38.13 5.76 13.88
N GLY A 625 -36.85 6.02 14.14
CA GLY A 625 -35.86 6.09 13.08
C GLY A 625 -36.10 7.15 12.03
N ASN A 626 -36.60 8.31 12.42
CA ASN A 626 -36.87 9.36 11.47
C ASN A 626 -35.59 10.09 11.07
N PHE A 627 -35.71 10.90 10.03
CA PHE A 627 -34.62 11.73 9.53
C PHE A 627 -35.10 13.17 9.53
N TYR A 628 -34.33 14.08 10.14
CA TYR A 628 -34.75 15.47 10.22
C TYR A 628 -33.61 16.40 9.84
N PHE A 629 -33.99 17.52 9.23
CA PHE A 629 -33.09 18.62 8.92
C PHE A 629 -33.27 19.69 9.98
N THR A 630 -32.16 20.20 10.52
CA THR A 630 -32.20 21.10 11.66
C THR A 630 -31.37 22.34 11.41
N GLU A 631 -31.64 23.39 12.17
CA GLU A 631 -30.92 24.64 12.04
C GLU A 631 -29.53 24.53 12.68
N LEU A 632 -28.74 25.58 12.54
CA LEU A 632 -27.34 25.52 12.98
C LEU A 632 -27.22 25.44 14.49
N ASP A 633 -28.15 26.04 15.23
CA ASP A 633 -28.09 25.99 16.69
C ASP A 633 -28.30 24.59 17.24
N ALA A 634 -28.72 23.64 16.39
CA ALA A 634 -28.87 22.23 16.70
C ALA A 634 -30.04 21.95 17.63
N LYS A 635 -31.00 22.87 17.75
CA LYS A 635 -32.16 22.65 18.59
C LYS A 635 -33.44 22.51 17.78
N THR A 636 -33.79 23.50 16.97
CA THR A 636 -35.07 23.48 16.28
C THR A 636 -35.03 22.50 15.12
N VAL A 637 -36.21 22.04 14.71
CA VAL A 637 -36.36 21.05 13.65
C VAL A 637 -37.07 21.71 12.48
N THR A 638 -36.48 21.58 11.29
CA THR A 638 -37.02 22.28 10.12
C THR A 638 -37.92 21.38 9.28
N ALA A 639 -37.50 20.14 9.01
CA ALA A 639 -38.30 19.23 8.23
C ALA A 639 -37.97 17.80 8.64
N GLU A 640 -38.91 16.89 8.40
CA GLU A 640 -38.75 15.49 8.73
C GLU A 640 -39.27 14.61 7.60
N VAL A 641 -38.57 13.51 7.34
CA VAL A 641 -38.99 12.57 6.31
C VAL A 641 -39.24 11.22 6.95
N GLN A 642 -40.25 10.51 6.43
CA GLN A 642 -40.67 9.22 6.95
C GLN A 642 -40.08 8.13 6.08
N PRO A 643 -39.19 7.28 6.62
CA PRO A 643 -38.60 6.23 5.79
C PRO A 643 -39.64 5.26 5.26
N GLN A 644 -39.51 4.89 4.00
CA GLN A 644 -40.40 3.95 3.35
C GLN A 644 -39.57 3.14 2.36
N CYS A 645 -40.23 2.34 1.54
CA CYS A 645 -39.53 1.48 0.59
C CYS A 645 -39.28 2.23 -0.71
N GLY A 646 -38.02 2.34 -1.11
CA GLY A 646 -37.66 3.03 -2.32
C GLY A 646 -37.62 4.54 -2.23
N ARG A 647 -37.66 5.09 -1.03
CA ARG A 647 -37.60 6.53 -0.84
C ARG A 647 -36.15 6.96 -0.68
N ALA A 648 -35.75 7.98 -1.42
CA ALA A 648 -34.38 8.48 -1.39
C ALA A 648 -34.39 9.96 -1.09
N VAL A 649 -33.57 10.37 -0.12
CA VAL A 649 -33.40 11.77 0.24
C VAL A 649 -31.98 12.18 -0.12
N GLY A 650 -31.86 13.23 -0.91
CA GLY A 650 -30.55 13.70 -1.36
C GLY A 650 -30.39 15.18 -1.11
N PHE A 651 -29.20 15.56 -0.68
CA PHE A 651 -28.94 16.93 -0.28
C PHE A 651 -27.46 17.23 -0.46
N SER A 652 -27.13 18.52 -0.47
CA SER A 652 -25.74 18.93 -0.53
C SER A 652 -25.15 18.95 0.87
N SER A 653 -23.96 18.39 1.01
CA SER A 653 -23.39 18.09 2.32
C SER A 653 -22.68 19.27 2.95
N GLY A 654 -22.98 20.49 2.54
CA GLY A 654 -22.33 21.66 3.07
C GLY A 654 -22.87 22.05 4.42
N THR A 655 -22.53 23.27 4.83
CA THR A 655 -22.90 23.78 6.15
C THR A 655 -24.30 24.37 6.19
N GLU A 656 -25.01 24.39 5.07
CA GLU A 656 -26.39 24.86 5.05
C GLU A 656 -27.39 23.76 5.32
N ASN A 657 -26.93 22.52 5.48
CA ASN A 657 -27.79 21.36 5.73
C ASN A 657 -27.25 20.56 6.92
N PRO A 658 -27.50 21.00 8.14
CA PRO A 658 -27.27 20.13 9.30
C PRO A 658 -28.45 19.18 9.46
N HIS A 659 -28.14 17.93 9.75
CA HIS A 659 -29.15 16.88 9.75
C HIS A 659 -28.94 15.96 10.94
N GLY A 660 -29.96 15.17 11.24
CA GLY A 660 -29.87 14.22 12.32
C GLY A 660 -30.84 13.09 12.14
N VAL A 661 -30.54 11.98 12.82
CA VAL A 661 -31.38 10.79 12.81
C VAL A 661 -31.79 10.48 14.24
N LYS A 662 -33.06 10.10 14.41
CA LYS A 662 -33.55 9.74 15.72
C LYS A 662 -33.12 8.33 16.10
N ALA A 663 -33.58 7.88 17.26
CA ALA A 663 -33.32 6.52 17.71
C ALA A 663 -34.41 5.59 17.20
N VAL A 664 -34.05 4.33 16.97
CA VAL A 664 -35.04 3.32 16.61
C VAL A 664 -35.56 2.66 17.88
N THR A 665 -36.87 2.64 18.04
CA THR A 665 -37.44 2.09 19.26
C THR A 665 -37.57 0.57 19.21
N ARG A 666 -37.83 0.01 18.03
CA ARG A 666 -37.94 -1.43 17.83
C ARG A 666 -38.05 -1.71 16.33
N GLY A 667 -37.52 -2.85 15.92
CA GLY A 667 -37.60 -3.27 14.53
C GLY A 667 -36.24 -3.30 13.87
N GLN A 668 -36.27 -3.24 12.54
CA GLN A 668 -35.09 -3.31 11.70
C GLN A 668 -35.05 -2.12 10.74
N ARG A 669 -33.93 -1.41 10.71
CA ARG A 669 -33.75 -0.26 9.83
C ARG A 669 -32.52 -0.50 8.97
N CYS A 670 -32.69 -0.53 7.66
CA CYS A 670 -31.61 -0.80 6.73
C CYS A 670 -31.69 0.13 5.54
N ALA A 671 -30.56 0.73 5.20
CA ALA A 671 -30.51 1.72 4.13
C ALA A 671 -29.09 1.75 3.56
N ILE A 672 -28.94 2.50 2.47
CA ILE A 672 -27.66 2.72 1.81
C ILE A 672 -27.30 4.18 1.97
N ALA A 673 -26.04 4.47 2.29
CA ALA A 673 -25.55 5.83 2.45
C ALA A 673 -24.44 6.11 1.46
N LEU A 674 -24.57 7.20 0.71
CA LEU A 674 -23.69 7.52 -0.41
C LEU A 674 -23.17 8.95 -0.28
N TRP A 675 -21.88 9.13 -0.60
CA TRP A 675 -21.23 10.43 -0.61
C TRP A 675 -20.48 10.60 -1.92
N PHE A 676 -20.56 11.79 -2.51
CA PHE A 676 -20.02 12.04 -3.83
C PHE A 676 -19.06 13.24 -3.79
N THR A 677 -18.18 13.30 -4.78
CA THR A 677 -17.12 14.30 -4.84
C THR A 677 -17.18 15.01 -6.18
N LEU A 678 -16.68 16.24 -6.22
CA LEU A 678 -16.47 16.93 -7.48
C LEU A 678 -14.99 17.01 -7.85
N ASP A 679 -14.10 16.47 -7.01
CA ASP A 679 -12.66 16.52 -7.19
C ASP A 679 -12.13 15.16 -7.64
N PRO A 680 -11.65 15.02 -8.88
CA PRO A 680 -11.25 13.69 -9.37
C PRO A 680 -10.09 13.07 -8.63
N ARG A 681 -9.28 13.86 -7.93
CA ARG A 681 -8.20 13.30 -7.13
C ARG A 681 -8.74 12.42 -6.01
N HIS A 682 -9.83 12.84 -5.37
CA HIS A 682 -10.38 12.13 -4.22
C HIS A 682 -11.56 11.26 -4.64
N SER A 683 -11.26 10.21 -5.39
CA SER A 683 -12.27 9.27 -5.86
C SER A 683 -12.11 7.96 -5.10
N GLU A 684 -13.18 7.19 -5.05
CA GLU A 684 -13.12 5.92 -4.35
C GLU A 684 -12.11 5.02 -5.02
N ARG A 685 -11.12 4.56 -4.26
CA ARG A 685 -10.09 3.70 -4.82
C ARG A 685 -10.57 2.27 -5.00
N ASP A 686 -11.50 1.82 -4.17
CA ASP A 686 -12.03 0.46 -4.29
C ASP A 686 -13.00 0.31 -5.46
N ARG A 687 -13.41 1.41 -6.10
CA ARG A 687 -14.39 1.30 -7.18
C ARG A 687 -13.76 0.78 -8.46
N VAL A 688 -12.48 1.06 -8.68
CA VAL A 688 -11.79 0.53 -9.86
C VAL A 688 -11.68 -0.99 -9.79
N GLN A 689 -11.33 -1.51 -8.62
CA GLN A 689 -11.23 -2.95 -8.45
C GLN A 689 -12.59 -3.61 -8.61
N ALA A 690 -13.64 -3.00 -8.07
CA ALA A 690 -14.98 -3.56 -8.24
C ALA A 690 -15.39 -3.57 -9.69
N ASP A 691 -15.05 -2.52 -10.44
CA ASP A 691 -15.37 -2.50 -11.86
C ASP A 691 -14.65 -3.62 -12.61
N ASP A 692 -13.37 -3.83 -12.30
CA ASP A 692 -12.64 -4.93 -12.91
C ASP A 692 -13.28 -6.28 -12.57
N LEU A 693 -13.67 -6.46 -11.31
CA LEU A 693 -14.30 -7.72 -10.91
C LEU A 693 -15.61 -7.95 -11.65
N VAL A 694 -16.41 -6.91 -11.82
CA VAL A 694 -17.68 -7.08 -12.51
C VAL A 694 -17.44 -7.48 -13.95
N LYS A 695 -16.49 -6.81 -14.61
CA LYS A 695 -16.18 -7.16 -15.99
C LYS A 695 -15.69 -8.59 -16.11
N MET A 696 -14.84 -9.03 -15.17
CA MET A 696 -14.35 -10.41 -15.19
C MET A 696 -15.46 -11.42 -14.95
N LEU A 697 -16.31 -11.18 -13.94
CA LEU A 697 -17.29 -12.17 -13.51
C LEU A 697 -18.45 -12.31 -14.48
N PHE A 698 -18.91 -11.22 -15.07
CA PHE A 698 -20.16 -11.28 -15.84
C PHE A 698 -19.99 -11.10 -17.33
N SER A 699 -18.80 -10.74 -17.82
CA SER A 699 -18.54 -10.59 -19.24
C SER A 699 -17.24 -11.28 -19.60
N PRO A 700 -17.19 -12.61 -19.51
CA PRO A 700 -15.91 -13.32 -19.67
C PRO A 700 -15.39 -13.25 -21.09
N GLU A 701 -14.08 -13.45 -21.23
CA GLU A 701 -13.43 -13.47 -22.52
C GLU A 701 -12.20 -14.35 -22.42
N GLU A 702 -12.19 -15.46 -23.16
CA GLU A 702 -11.06 -16.38 -23.18
C GLU A 702 -9.97 -15.87 -24.13
N MET A 703 -8.88 -16.63 -24.23
CA MET A 703 -7.72 -16.18 -24.99
C MET A 703 -7.12 -17.30 -25.84
N ASP A 704 -7.95 -18.21 -26.35
CA ASP A 704 -7.51 -19.23 -27.30
C ASP A 704 -6.39 -20.08 -26.69
N LEU A 705 -6.78 -20.86 -25.69
CA LEU A 705 -5.82 -21.68 -24.97
C LEU A 705 -5.10 -22.65 -25.89
N SER A 706 -5.71 -23.04 -27.00
CA SER A 706 -5.06 -23.94 -27.94
C SER A 706 -3.82 -23.31 -28.55
N GLN B 27 -5.02 -40.05 -9.93
CA GLN B 27 -5.82 -38.84 -9.84
C GLN B 27 -5.33 -37.79 -10.81
N TYR B 28 -4.57 -38.22 -11.80
CA TYR B 28 -4.05 -37.34 -12.84
C TYR B 28 -4.27 -37.91 -14.24
N GLU B 29 -5.13 -38.92 -14.38
CA GLU B 29 -5.39 -39.48 -15.70
C GLU B 29 -6.30 -38.57 -16.52
N ARG B 30 -7.38 -38.10 -15.92
CA ARG B 30 -8.34 -37.23 -16.62
C ARG B 30 -8.00 -35.76 -16.45
N TYR B 31 -6.74 -35.40 -16.65
CA TYR B 31 -6.30 -34.03 -16.50
C TYR B 31 -5.78 -33.49 -17.82
N SER B 32 -6.28 -32.33 -18.21
CA SER B 32 -5.78 -31.63 -19.40
C SER B 32 -5.94 -30.14 -19.16
N PHE B 33 -4.86 -29.39 -19.36
CA PHE B 33 -4.92 -27.94 -19.14
C PHE B 33 -5.81 -27.27 -20.17
N ARG B 34 -5.74 -27.72 -21.42
CA ARG B 34 -6.50 -27.08 -22.50
C ARG B 34 -8.01 -27.22 -22.28
N SER B 35 -8.45 -28.39 -21.82
CA SER B 35 -9.87 -28.65 -21.63
C SER B 35 -10.11 -29.13 -20.21
N PHE B 36 -10.27 -28.20 -19.28
CA PHE B 36 -10.61 -28.55 -17.92
C PHE B 36 -12.11 -28.55 -17.76
N PRO B 37 -12.71 -29.60 -17.20
CA PRO B 37 -14.17 -29.66 -17.09
C PRO B 37 -14.72 -28.48 -16.31
N ARG B 38 -15.74 -27.83 -16.89
CA ARG B 38 -16.42 -26.76 -16.17
C ARG B 38 -17.25 -27.28 -15.01
N ASP B 39 -17.41 -28.60 -14.90
CA ASP B 39 -18.20 -29.19 -13.83
C ASP B 39 -17.54 -29.02 -12.47
N GLU B 40 -16.21 -29.03 -12.41
CA GLU B 40 -15.49 -29.02 -11.15
C GLU B 40 -14.70 -27.74 -10.91
N LEU B 41 -15.03 -26.65 -11.59
CA LEU B 41 -14.37 -25.38 -11.35
C LEU B 41 -14.96 -24.77 -10.08
N MET B 42 -14.24 -24.90 -8.98
CA MET B 42 -14.60 -24.32 -7.70
C MET B 42 -13.33 -23.78 -7.06
N PRO B 43 -13.45 -22.90 -6.09
CA PRO B 43 -12.25 -22.43 -5.38
C PRO B 43 -11.54 -23.59 -4.71
N LEU B 44 -10.21 -23.49 -4.65
CA LEU B 44 -9.41 -24.54 -4.04
C LEU B 44 -9.72 -24.70 -2.56
N GLU B 45 -9.90 -23.58 -1.86
CA GLU B 45 -10.18 -23.63 -0.44
C GLU B 45 -11.50 -24.34 -0.14
N SER B 46 -12.53 -24.09 -0.93
CA SER B 46 -13.82 -24.71 -0.66
C SER B 46 -13.76 -26.21 -0.90
N ALA B 47 -13.08 -26.65 -1.96
CA ALA B 47 -12.95 -28.08 -2.21
C ALA B 47 -12.17 -28.76 -1.10
N TYR B 48 -11.08 -28.13 -0.64
CA TYR B 48 -10.33 -28.70 0.47
C TYR B 48 -11.17 -28.76 1.75
N ARG B 49 -11.95 -27.71 2.01
CA ARG B 49 -12.82 -27.70 3.19
C ARG B 49 -13.84 -28.82 3.14
N HIS B 50 -14.49 -29.00 1.99
CA HIS B 50 -15.47 -30.08 1.86
C HIS B 50 -14.81 -31.43 2.06
N ALA B 51 -13.62 -31.62 1.49
CA ALA B 51 -12.94 -32.89 1.63
C ALA B 51 -12.63 -33.21 3.08
N LEU B 52 -12.13 -32.23 3.83
CA LEU B 52 -11.82 -32.48 5.24
C LEU B 52 -13.08 -32.67 6.06
N ASP B 53 -14.17 -31.97 5.69
CA ASP B 53 -15.44 -32.16 6.38
C ASP B 53 -15.95 -33.59 6.21
N LYS B 54 -15.88 -34.12 4.99
CA LYS B 54 -16.30 -35.50 4.78
C LYS B 54 -15.33 -36.48 5.45
N TYR B 55 -14.05 -36.15 5.48
CA TYR B 55 -13.07 -37.00 6.16
C TYR B 55 -13.39 -37.14 7.65
N SER B 56 -13.71 -36.02 8.30
CA SER B 56 -14.08 -36.10 9.71
C SER B 56 -15.44 -36.75 9.91
N GLY B 57 -16.25 -36.84 8.86
CA GLY B 57 -17.55 -37.46 8.93
C GLY B 57 -17.56 -38.94 8.63
N GLU B 58 -16.38 -39.56 8.53
CA GLU B 58 -16.25 -40.99 8.29
C GLU B 58 -16.92 -41.41 6.98
N HIS B 59 -16.98 -40.51 6.01
CA HIS B 59 -17.45 -40.80 4.67
C HIS B 59 -16.24 -40.80 3.74
N TRP B 60 -15.80 -41.99 3.34
CA TRP B 60 -14.52 -42.13 2.66
C TRP B 60 -14.59 -41.88 1.17
N ALA B 61 -15.62 -42.40 0.48
CA ALA B 61 -15.67 -42.27 -0.97
C ALA B 61 -15.75 -40.81 -1.39
N GLU B 62 -16.62 -40.04 -0.76
CA GLU B 62 -16.76 -38.63 -1.10
C GLU B 62 -15.49 -37.84 -0.77
N SER B 63 -14.83 -38.19 0.33
CA SER B 63 -13.58 -37.52 0.67
C SER B 63 -12.49 -37.83 -0.36
N VAL B 64 -12.44 -39.06 -0.86
CA VAL B 64 -11.49 -39.38 -1.92
C VAL B 64 -11.77 -38.53 -3.15
N GLY B 65 -13.04 -38.44 -3.54
CA GLY B 65 -13.37 -37.64 -4.71
C GLY B 65 -12.98 -36.18 -4.55
N TYR B 66 -13.26 -35.60 -3.38
CA TYR B 66 -12.99 -34.18 -3.18
C TYR B 66 -11.49 -33.91 -3.07
N LEU B 67 -10.73 -34.81 -2.43
CA LEU B 67 -9.29 -34.63 -2.38
C LEU B 67 -8.68 -34.70 -3.77
N GLU B 68 -9.14 -35.62 -4.60
CA GLU B 68 -8.65 -35.67 -5.97
C GLU B 68 -8.99 -34.40 -6.73
N ILE B 69 -10.20 -33.87 -6.53
CA ILE B 69 -10.58 -32.63 -7.17
C ILE B 69 -9.64 -31.50 -6.78
N SER B 70 -9.34 -31.38 -5.48
CA SER B 70 -8.47 -30.29 -5.03
C SER B 70 -7.06 -30.43 -5.58
N LEU B 71 -6.54 -31.66 -5.67
CA LEU B 71 -5.22 -31.83 -6.28
C LEU B 71 -5.21 -31.37 -7.74
N ARG B 72 -6.23 -31.75 -8.51
CA ARG B 72 -6.27 -31.34 -9.90
C ARG B 72 -6.39 -29.82 -10.03
N LEU B 73 -7.14 -29.20 -9.13
CA LEU B 73 -7.28 -27.75 -9.17
C LEU B 73 -5.95 -27.05 -8.86
N HIS B 74 -5.17 -27.58 -7.91
CA HIS B 74 -3.88 -26.98 -7.64
C HIS B 74 -2.95 -27.08 -8.84
N ARG B 75 -2.94 -28.24 -9.50
CA ARG B 75 -2.11 -28.37 -10.70
C ARG B 75 -2.54 -27.40 -11.79
N LEU B 76 -3.86 -27.21 -11.97
CA LEU B 76 -4.34 -26.27 -12.97
C LEU B 76 -3.90 -24.86 -12.66
N LEU B 77 -3.96 -24.45 -11.40
CA LEU B 77 -3.50 -23.12 -11.03
C LEU B 77 -2.03 -22.93 -11.35
N ARG B 78 -1.20 -23.92 -11.01
CA ARG B 78 0.23 -23.82 -11.28
C ARG B 78 0.52 -23.71 -12.78
N ASP B 79 -0.15 -24.52 -13.58
CA ASP B 79 0.08 -24.48 -15.03
C ASP B 79 -0.42 -23.17 -15.64
N SER B 80 -1.53 -22.64 -15.17
CA SER B 80 -2.01 -21.36 -15.68
C SER B 80 -1.02 -20.25 -15.37
N GLU B 81 -0.47 -20.24 -14.16
CA GLU B 81 0.53 -19.24 -13.81
C GLU B 81 1.78 -19.37 -14.68
N ALA B 82 2.23 -20.59 -14.93
CA ALA B 82 3.40 -20.78 -15.79
C ALA B 82 3.13 -20.30 -17.22
N PHE B 83 1.96 -20.60 -17.77
CA PHE B 83 1.65 -20.16 -19.13
C PHE B 83 1.53 -18.65 -19.21
N CYS B 84 0.97 -18.02 -18.17
CA CYS B 84 0.85 -16.57 -18.19
C CYS B 84 2.21 -15.90 -18.10
N HIS B 85 3.11 -16.42 -17.27
CA HIS B 85 4.43 -15.79 -17.10
C HIS B 85 5.34 -15.99 -18.29
N ARG B 86 4.95 -16.80 -19.27
CA ARG B 86 5.75 -17.02 -20.46
C ARG B 86 5.42 -16.06 -21.58
N ASN B 87 4.15 -15.71 -21.75
CA ASN B 87 3.77 -14.73 -22.75
C ASN B 87 4.38 -13.36 -22.47
N CYS B 88 4.35 -12.93 -21.21
CA CYS B 88 4.72 -11.55 -20.90
C CYS B 88 6.23 -11.37 -20.81
N SER B 89 6.88 -11.99 -19.83
CA SER B 89 8.27 -11.65 -19.54
C SER B 89 9.19 -11.99 -20.71
N ALA B 90 9.01 -13.17 -21.31
CA ALA B 90 9.85 -13.61 -22.42
C ALA B 90 9.26 -13.07 -23.73
N ALA B 91 9.44 -11.78 -23.95
CA ALA B 91 8.88 -11.09 -25.10
C ALA B 91 9.92 -10.15 -25.70
N PRO B 92 9.82 -9.88 -27.01
CA PRO B 92 10.71 -8.89 -27.62
C PRO B 92 10.45 -7.48 -27.09
N GLN B 93 11.52 -6.69 -27.03
CA GLN B 93 11.47 -5.39 -26.37
C GLN B 93 11.11 -4.28 -27.35
N PRO B 94 10.24 -3.35 -26.98
CA PRO B 94 10.03 -2.15 -27.81
C PRO B 94 11.16 -1.14 -27.60
N GLU B 95 11.69 -0.64 -28.71
CA GLU B 95 12.72 0.39 -28.65
C GLU B 95 12.07 1.77 -28.63
N PRO B 96 12.19 2.54 -27.56
CA PRO B 96 11.60 3.88 -27.50
C PRO B 96 12.49 4.88 -28.23
N ALA B 97 12.05 6.14 -28.21
CA ALA B 97 12.67 7.17 -29.02
C ALA B 97 14.09 7.48 -28.55
N ALA B 98 14.75 8.37 -29.28
CA ALA B 98 16.13 8.72 -28.97
C ALA B 98 16.24 9.53 -27.68
N GLY B 99 15.25 10.38 -27.40
CA GLY B 99 15.32 11.23 -26.22
C GLY B 99 15.26 10.45 -24.92
N LEU B 100 14.40 9.44 -24.86
CA LEU B 100 14.26 8.64 -23.66
C LEU B 100 15.54 7.88 -23.33
N ALA B 101 16.47 7.78 -24.27
CA ALA B 101 17.75 7.15 -23.97
C ALA B 101 18.62 7.99 -23.04
N SER B 102 18.28 9.25 -22.79
CA SER B 102 19.06 10.07 -21.88
C SER B 102 18.52 10.09 -20.45
N TYR B 103 17.46 9.33 -20.16
CA TYR B 103 16.87 9.25 -18.82
C TYR B 103 16.72 7.79 -18.43
N PRO B 104 17.73 7.19 -17.83
CA PRO B 104 17.69 5.74 -17.58
C PRO B 104 16.58 5.29 -16.64
N GLU B 105 16.28 6.05 -15.59
CA GLU B 105 15.29 5.59 -14.62
C GLU B 105 13.91 5.48 -15.24
N LEU B 106 13.55 6.44 -16.09
CA LEU B 106 12.26 6.40 -16.77
C LEU B 106 12.17 5.21 -17.72
N ARG B 107 13.26 4.87 -18.42
CA ARG B 107 13.25 3.69 -19.27
C ARG B 107 13.03 2.42 -18.46
N LEU B 108 13.78 2.26 -17.37
CA LEU B 108 13.66 1.04 -16.58
C LEU B 108 12.25 0.88 -16.03
N PHE B 109 11.71 1.93 -15.43
CA PHE B 109 10.41 1.76 -14.81
C PHE B 109 9.25 1.81 -15.81
N GLY B 110 9.43 2.43 -16.97
CA GLY B 110 8.44 2.29 -18.02
C GLY B 110 8.37 0.87 -18.56
N GLY B 111 9.52 0.22 -18.70
CA GLY B 111 9.50 -1.19 -19.08
C GLY B 111 8.81 -2.06 -18.05
N LEU B 112 9.07 -1.80 -16.76
CA LEU B 112 8.36 -2.54 -15.72
C LEU B 112 6.86 -2.30 -15.79
N LEU B 113 6.45 -1.06 -16.07
CA LEU B 113 5.03 -0.74 -16.19
C LEU B 113 4.38 -1.52 -17.33
N ARG B 114 5.05 -1.57 -18.49
CA ARG B 114 4.52 -2.33 -19.61
C ARG B 114 4.40 -3.81 -19.29
N ARG B 115 5.40 -4.38 -18.61
CA ARG B 115 5.32 -5.80 -18.27
C ARG B 115 4.17 -6.08 -17.30
N ALA B 116 3.97 -5.22 -16.31
CA ALA B 116 2.88 -5.43 -15.36
C ALA B 116 1.53 -5.36 -16.06
N HIS B 117 1.38 -4.44 -17.00
CA HIS B 117 0.14 -4.36 -17.77
C HIS B 117 -0.10 -5.62 -18.58
N CYS B 118 0.95 -6.15 -19.22
CA CYS B 118 0.77 -7.38 -19.99
C CYS B 118 0.36 -8.54 -19.10
N LEU B 119 0.97 -8.67 -17.91
CA LEU B 119 0.57 -9.73 -17.00
C LEU B 119 -0.89 -9.61 -16.61
N LYS B 120 -1.33 -8.42 -16.20
CA LYS B 120 -2.71 -8.26 -15.77
C LYS B 120 -3.68 -8.56 -16.90
N ARG B 121 -3.37 -8.09 -18.11
CA ARG B 121 -4.25 -8.36 -19.24
C ARG B 121 -4.32 -9.84 -19.57
N CYS B 122 -3.19 -10.55 -19.46
CA CYS B 122 -3.17 -11.96 -19.81
C CYS B 122 -3.87 -12.82 -18.77
N LYS B 123 -3.90 -12.39 -17.52
CA LYS B 123 -4.47 -13.24 -16.48
C LYS B 123 -6.00 -13.28 -16.50
N GLN B 124 -6.64 -12.25 -17.04
CA GLN B 124 -8.10 -12.20 -17.01
C GLN B 124 -8.73 -13.26 -17.91
N GLY B 125 -8.02 -13.67 -18.96
CA GLY B 125 -8.59 -14.59 -19.92
C GLY B 125 -8.49 -16.05 -19.59
N LEU B 126 -7.82 -16.42 -18.51
CA LEU B 126 -7.61 -17.83 -18.19
C LEU B 126 -8.62 -18.29 -17.15
N PRO B 127 -9.24 -19.46 -17.35
CA PRO B 127 -10.34 -19.88 -16.46
C PRO B 127 -9.95 -20.05 -15.01
N ALA B 128 -8.69 -20.39 -14.71
CA ALA B 128 -8.31 -20.67 -13.34
C ALA B 128 -8.20 -19.42 -12.48
N PHE B 129 -8.05 -18.25 -13.10
CA PHE B 129 -7.84 -17.00 -12.38
C PHE B 129 -9.13 -16.24 -12.14
N ARG B 130 -10.26 -16.76 -12.61
CA ARG B 130 -11.56 -16.13 -12.41
C ARG B 130 -12.35 -16.76 -11.27
N GLN B 131 -11.72 -17.64 -10.50
CA GLN B 131 -12.24 -18.13 -9.25
C GLN B 131 -11.60 -17.35 -8.10
N SER B 132 -11.97 -17.67 -6.88
CA SER B 132 -11.40 -17.00 -5.72
C SER B 132 -10.03 -17.60 -5.42
N GLN B 133 -9.06 -16.75 -5.21
CA GLN B 133 -7.69 -17.21 -5.06
C GLN B 133 -7.41 -17.66 -3.62
N PRO B 134 -6.57 -18.67 -3.42
CA PRO B 134 -6.36 -19.21 -2.08
C PRO B 134 -5.41 -18.36 -1.26
N SER B 135 -5.42 -18.63 0.04
CA SER B 135 -4.58 -17.95 1.01
C SER B 135 -3.16 -18.52 0.98
N ARG B 136 -2.22 -17.77 1.58
CA ARG B 136 -0.83 -18.21 1.59
C ARG B 136 -0.64 -19.47 2.42
N GLU B 137 -1.41 -19.61 3.50
CA GLU B 137 -1.34 -20.81 4.32
C GLU B 137 -1.71 -22.06 3.51
N VAL B 138 -2.78 -21.99 2.72
CA VAL B 138 -3.22 -23.14 1.95
C VAL B 138 -2.23 -23.47 0.84
N LEU B 139 -1.67 -22.45 0.20
CA LEU B 139 -0.67 -22.70 -0.84
C LEU B 139 0.58 -23.36 -0.27
N ALA B 140 1.07 -22.88 0.88
CA ALA B 140 2.21 -23.54 1.50
C ALA B 140 1.87 -24.95 1.94
N ASP B 141 0.63 -25.13 2.43
CA ASP B 141 0.17 -26.44 2.86
C ASP B 141 0.18 -27.44 1.70
N PHE B 142 -0.25 -27.00 0.52
CA PHE B 142 -0.22 -27.86 -0.64
C PHE B 142 1.21 -28.11 -1.10
N GLN B 143 2.07 -27.11 -1.00
CA GLN B 143 3.47 -27.29 -1.39
C GLN B 143 4.17 -28.31 -0.52
N ARG B 144 3.87 -28.33 0.77
CA ARG B 144 4.46 -29.29 1.70
C ARG B 144 3.90 -30.70 1.56
N ARG B 145 3.08 -30.96 0.55
CA ARG B 145 2.56 -32.30 0.25
C ARG B 145 1.74 -32.88 1.40
N GLU B 146 1.17 -32.02 2.23
CA GLU B 146 0.36 -32.48 3.36
C GLU B 146 -0.90 -33.25 2.94
N PRO B 147 -1.68 -32.80 1.96
CA PRO B 147 -2.94 -33.51 1.67
C PRO B 147 -2.76 -34.99 1.44
N TYR B 148 -1.63 -35.40 0.86
CA TYR B 148 -1.42 -36.80 0.54
C TYR B 148 -1.56 -37.68 1.77
N LYS B 149 -1.17 -37.17 2.94
CA LYS B 149 -1.40 -37.93 4.17
C LYS B 149 -2.84 -38.43 4.22
N PHE B 150 -3.80 -37.50 4.28
CA PHE B 150 -5.19 -37.90 4.34
C PHE B 150 -5.49 -38.89 3.23
N LEU B 151 -5.03 -38.60 2.02
CA LEU B 151 -5.38 -39.41 0.87
C LEU B 151 -5.08 -40.86 1.13
N GLN B 152 -3.87 -41.17 1.61
CA GLN B 152 -3.51 -42.57 1.72
C GLN B 152 -4.43 -43.30 2.68
N PHE B 153 -4.73 -42.68 3.82
CA PHE B 153 -5.63 -43.33 4.76
C PHE B 153 -6.97 -43.61 4.11
N ALA B 154 -7.52 -42.61 3.40
CA ALA B 154 -8.82 -42.79 2.78
C ALA B 154 -8.79 -43.97 1.82
N TYR B 155 -7.70 -44.11 1.06
CA TYR B 155 -7.65 -45.20 0.09
C TYR B 155 -7.74 -46.54 0.80
N PHE B 156 -7.05 -46.68 1.93
CA PHE B 156 -7.13 -47.93 2.67
C PHE B 156 -8.55 -48.25 3.09
N LYS B 157 -9.33 -47.24 3.45
CA LYS B 157 -10.70 -47.47 3.88
C LYS B 157 -11.66 -47.69 2.73
N ALA B 158 -11.18 -47.60 1.48
CA ALA B 158 -12.02 -47.86 0.33
C ALA B 158 -11.50 -49.02 -0.50
N ASN B 159 -10.65 -49.86 0.09
CA ASN B 159 -10.09 -51.03 -0.59
C ASN B 159 -9.34 -50.64 -1.85
N ASN B 160 -8.38 -49.72 -1.69
CA ASN B 160 -7.52 -49.22 -2.76
C ASN B 160 -6.06 -49.30 -2.35
N LEU B 161 -5.65 -50.49 -1.91
CA LEU B 161 -4.30 -50.70 -1.41
C LEU B 161 -3.18 -50.21 -2.34
N PRO B 162 -3.20 -50.45 -3.66
CA PRO B 162 -2.11 -49.93 -4.49
C PRO B 162 -2.00 -48.42 -4.46
N LYS B 163 -3.12 -47.72 -4.59
CA LYS B 163 -3.10 -46.26 -4.48
C LYS B 163 -2.72 -45.82 -3.08
N ALA B 164 -3.08 -46.60 -2.06
CA ALA B 164 -2.68 -46.27 -0.70
C ALA B 164 -1.17 -46.27 -0.55
N ILE B 165 -0.50 -47.33 -1.03
CA ILE B 165 0.94 -47.38 -0.89
C ILE B 165 1.60 -46.32 -1.78
N ALA B 166 1.03 -46.05 -2.95
CA ALA B 166 1.58 -45.01 -3.82
C ALA B 166 1.52 -43.64 -3.15
N ALA B 167 0.40 -43.31 -2.53
CA ALA B 167 0.29 -42.00 -1.87
C ALA B 167 1.20 -41.92 -0.65
N ALA B 168 1.32 -43.01 0.11
CA ALA B 168 2.24 -43.01 1.23
C ALA B 168 3.67 -42.77 0.77
N HIS B 169 4.08 -43.43 -0.32
CA HIS B 169 5.42 -43.23 -0.85
C HIS B 169 5.64 -41.81 -1.32
N THR B 170 4.63 -41.22 -1.97
CA THR B 170 4.77 -39.84 -2.44
C THR B 170 4.93 -38.87 -1.28
N PHE B 171 4.20 -39.05 -0.19
CA PHE B 171 4.42 -38.17 0.94
C PHE B 171 5.77 -38.42 1.59
N LEU B 172 6.15 -39.69 1.78
CA LEU B 172 7.39 -40.01 2.46
C LEU B 172 8.61 -39.51 1.70
N LEU B 173 8.49 -39.40 0.38
CA LEU B 173 9.62 -38.99 -0.43
C LEU B 173 10.08 -37.57 -0.10
N LYS B 174 9.13 -36.67 0.18
CA LYS B 174 9.46 -35.30 0.51
C LYS B 174 9.85 -35.14 1.99
N HIS B 175 9.15 -35.84 2.88
CA HIS B 175 9.46 -35.83 4.30
C HIS B 175 9.95 -37.20 4.70
N PRO B 176 11.25 -37.41 4.90
CA PRO B 176 11.77 -38.73 5.28
C PRO B 176 11.89 -38.98 6.77
N ASP B 177 11.64 -37.99 7.62
CA ASP B 177 11.84 -38.13 9.07
C ASP B 177 10.53 -38.05 9.84
N ASP B 178 9.41 -38.45 9.24
CA ASP B 178 8.15 -38.51 9.95
C ASP B 178 8.04 -39.83 10.70
N GLU B 179 7.35 -39.80 11.84
CA GLU B 179 7.23 -41.00 12.66
C GLU B 179 6.14 -41.93 12.13
N MET B 180 4.90 -41.43 12.05
CA MET B 180 3.78 -42.31 11.71
C MET B 180 3.89 -42.87 10.30
N MET B 181 4.38 -42.07 9.35
CA MET B 181 4.45 -42.52 7.97
C MET B 181 5.39 -43.70 7.81
N LYS B 182 6.48 -43.75 8.59
CA LYS B 182 7.37 -44.90 8.54
C LYS B 182 6.66 -46.16 9.00
N ARG B 183 5.89 -46.07 10.09
CA ARG B 183 5.13 -47.22 10.55
C ARG B 183 4.12 -47.66 9.49
N ASN B 184 3.44 -46.70 8.88
CA ASN B 184 2.48 -47.02 7.84
C ASN B 184 3.15 -47.74 6.68
N MET B 185 4.32 -47.25 6.26
CA MET B 185 5.02 -47.87 5.14
C MET B 185 5.52 -49.26 5.49
N ALA B 186 5.96 -49.47 6.73
CA ALA B 186 6.36 -50.80 7.14
C ALA B 186 5.18 -51.77 7.08
N TYR B 187 4.02 -51.35 7.59
CA TYR B 187 2.84 -52.20 7.51
C TYR B 187 2.46 -52.48 6.06
N TYR B 188 2.50 -51.45 5.21
CA TYR B 188 2.13 -51.62 3.82
C TYR B 188 3.06 -52.58 3.10
N LYS B 189 4.36 -52.48 3.36
CA LYS B 189 5.33 -53.38 2.75
C LYS B 189 5.16 -54.80 3.26
N SER B 190 4.69 -54.98 4.50
CA SER B 190 4.40 -56.32 4.98
C SER B 190 3.29 -56.98 4.17
N LEU B 191 2.43 -56.18 3.54
CA LEU B 191 1.26 -56.73 2.85
C LEU B 191 1.69 -57.48 1.60
N PRO B 192 1.06 -58.62 1.29
CA PRO B 192 1.51 -59.42 0.15
C PRO B 192 1.22 -58.72 -1.17
N GLY B 193 2.04 -59.03 -2.17
CA GLY B 193 1.87 -58.50 -3.51
C GLY B 193 2.33 -57.07 -3.64
N ALA B 194 2.03 -56.24 -2.65
CA ALA B 194 2.29 -54.80 -2.70
C ALA B 194 3.79 -54.54 -2.52
N GLU B 195 4.56 -55.10 -3.43
CA GLU B 195 5.99 -54.82 -3.55
C GLU B 195 6.35 -54.19 -4.88
N ASP B 196 5.39 -53.98 -5.78
CA ASP B 196 5.68 -53.49 -7.12
C ASP B 196 4.75 -52.37 -7.56
N TYR B 197 3.88 -51.86 -6.69
CA TYR B 197 3.07 -50.70 -7.02
C TYR B 197 3.70 -49.39 -6.54
N ILE B 198 4.90 -49.43 -5.98
CA ILE B 198 5.52 -48.23 -5.42
C ILE B 198 5.86 -47.30 -6.58
N LYS B 199 5.21 -46.13 -6.59
CA LYS B 199 5.45 -45.13 -7.62
C LYS B 199 5.16 -43.75 -7.06
N ASP B 200 5.85 -42.75 -7.59
CA ASP B 200 5.66 -41.37 -7.16
C ASP B 200 4.55 -40.77 -8.00
N LEU B 201 3.52 -40.24 -7.33
CA LEU B 201 2.39 -39.67 -8.06
C LEU B 201 2.71 -38.30 -8.62
N GLU B 202 3.60 -37.56 -7.96
CA GLU B 202 4.03 -36.24 -8.42
C GLU B 202 5.37 -36.35 -9.14
N THR B 203 5.37 -37.09 -10.25
CA THR B 203 6.59 -37.31 -11.02
C THR B 203 6.67 -36.32 -12.17
N LYS B 204 7.88 -36.14 -12.68
CA LYS B 204 8.19 -35.18 -13.72
C LYS B 204 8.76 -35.88 -14.95
N SER B 205 8.87 -35.14 -16.04
CA SER B 205 9.34 -35.72 -17.30
C SER B 205 10.84 -36.00 -17.26
N TYR B 206 11.62 -35.02 -16.84
CA TYR B 206 13.07 -35.18 -16.85
C TYR B 206 13.52 -36.25 -15.87
N GLU B 207 12.78 -36.49 -14.79
CA GLU B 207 13.14 -37.58 -13.88
C GLU B 207 13.10 -38.93 -14.57
N SER B 208 12.00 -39.23 -15.26
CA SER B 208 11.88 -40.51 -15.96
C SER B 208 12.88 -40.61 -17.11
N LEU B 209 13.09 -39.51 -17.83
CA LEU B 209 14.07 -39.53 -18.91
C LEU B 209 15.47 -39.81 -18.38
N PHE B 210 15.83 -39.20 -17.25
CA PHE B 210 17.12 -39.45 -16.63
C PHE B 210 17.25 -40.91 -16.19
N ILE B 211 16.20 -41.46 -15.58
CA ILE B 211 16.26 -42.85 -15.14
C ILE B 211 16.48 -43.78 -16.33
N ARG B 212 15.73 -43.54 -17.42
CA ARG B 212 15.86 -44.37 -18.61
C ARG B 212 17.26 -44.27 -19.20
N ALA B 213 17.81 -43.06 -19.28
CA ALA B 213 19.14 -42.90 -19.86
C ALA B 213 20.21 -43.53 -18.99
N VAL B 214 20.07 -43.44 -17.67
CA VAL B 214 21.03 -44.08 -16.78
C VAL B 214 21.00 -45.60 -16.98
N ARG B 215 19.79 -46.16 -17.10
CA ARG B 215 19.68 -47.61 -17.33
C ARG B 215 20.34 -47.99 -18.65
N ALA B 216 20.11 -47.21 -19.70
CA ALA B 216 20.74 -47.52 -20.99
C ALA B 216 22.26 -47.44 -20.88
N TYR B 217 22.77 -46.44 -20.17
CA TYR B 217 24.21 -46.30 -20.02
C TYR B 217 24.80 -47.49 -19.28
N ASN B 218 24.14 -47.94 -18.21
CA ASN B 218 24.64 -49.07 -17.45
C ASN B 218 24.61 -50.37 -18.25
N GLY B 219 23.78 -50.45 -19.27
CA GLY B 219 23.61 -51.67 -20.03
C GLY B 219 24.41 -51.73 -21.31
N GLU B 220 25.46 -50.92 -21.42
CA GLU B 220 26.34 -50.92 -22.59
C GLU B 220 25.56 -50.63 -23.87
N ASN B 221 25.04 -49.41 -23.94
CA ASN B 221 24.39 -48.91 -25.15
C ASN B 221 24.45 -47.38 -25.09
N TRP B 222 24.99 -46.77 -26.15
CA TRP B 222 25.39 -45.37 -26.08
C TRP B 222 24.44 -44.43 -26.81
N ARG B 223 23.95 -44.78 -27.99
CA ARG B 223 23.11 -43.85 -28.74
C ARG B 223 21.80 -43.58 -28.02
N THR B 224 21.19 -44.62 -27.45
CA THR B 224 19.95 -44.42 -26.70
C THR B 224 20.16 -43.49 -25.51
N SER B 225 21.26 -43.68 -24.79
CA SER B 225 21.56 -42.83 -23.66
C SER B 225 21.78 -41.39 -24.10
N ILE B 226 22.48 -41.21 -25.22
CA ILE B 226 22.72 -39.85 -25.72
C ILE B 226 21.38 -39.18 -26.05
N THR B 227 20.50 -39.90 -26.75
CA THR B 227 19.22 -39.30 -27.13
C THR B 227 18.41 -38.92 -25.91
N ASP B 228 18.35 -39.81 -24.92
CA ASP B 228 17.53 -39.52 -23.74
C ASP B 228 18.11 -38.37 -22.91
N MET B 229 19.44 -38.33 -22.73
CA MET B 229 20.02 -37.24 -21.94
C MET B 229 19.86 -35.90 -22.65
N GLU B 230 20.04 -35.88 -23.97
CA GLU B 230 19.84 -34.64 -24.72
C GLU B 230 18.38 -34.22 -24.74
N LEU B 231 17.46 -35.15 -24.55
CA LEU B 231 16.07 -34.77 -24.32
C LEU B 231 15.84 -34.26 -22.91
N ALA B 232 16.57 -34.80 -21.93
CA ALA B 232 16.33 -34.49 -20.53
C ALA B 232 16.84 -33.13 -20.12
N LEU B 233 17.95 -32.67 -20.71
CA LEU B 233 18.55 -31.40 -20.27
C LEU B 233 17.64 -30.19 -20.45
N PRO B 234 17.13 -29.90 -21.65
CA PRO B 234 16.27 -28.70 -21.80
C PRO B 234 15.02 -28.76 -20.96
N ASP B 235 14.48 -29.95 -20.71
CA ASP B 235 13.31 -30.08 -19.84
C ASP B 235 13.62 -29.62 -18.43
N PHE B 236 14.78 -30.01 -17.91
CA PHE B 236 15.19 -29.53 -16.60
C PHE B 236 15.32 -28.02 -16.60
N PHE B 237 15.93 -27.45 -17.64
CA PHE B 237 16.11 -26.00 -17.65
C PHE B 237 14.77 -25.27 -17.69
N LYS B 238 13.83 -25.77 -18.50
CA LYS B 238 12.51 -25.14 -18.59
C LYS B 238 11.77 -25.21 -17.26
N ALA B 239 11.81 -26.37 -16.60
CA ALA B 239 11.18 -26.49 -15.29
C ALA B 239 11.82 -25.55 -14.28
N PHE B 240 13.16 -25.42 -14.33
CA PHE B 240 13.86 -24.56 -13.39
C PHE B 240 13.42 -23.11 -13.55
N TYR B 241 13.32 -22.63 -14.80
CA TYR B 241 12.99 -21.22 -14.99
C TYR B 241 11.53 -20.93 -14.66
N GLU B 242 10.63 -21.90 -14.91
CA GLU B 242 9.26 -21.71 -14.47
C GLU B 242 9.16 -21.69 -12.95
N CYS B 243 9.93 -22.52 -12.26
CA CYS B 243 9.93 -22.49 -10.80
C CYS B 243 10.46 -21.17 -10.26
N LEU B 244 11.50 -20.62 -10.91
CA LEU B 244 12.01 -19.32 -10.48
C LEU B 244 10.95 -18.24 -10.68
N ALA B 245 10.27 -18.26 -11.81
CA ALA B 245 9.25 -17.24 -12.08
C ALA B 245 8.03 -17.37 -11.19
N ALA B 246 7.78 -18.54 -10.61
CA ALA B 246 6.64 -18.71 -9.72
C ALA B 246 6.90 -18.25 -8.29
N CYS B 247 8.11 -17.83 -7.94
CA CYS B 247 8.41 -17.43 -6.57
C CYS B 247 8.16 -15.96 -6.30
N GLU B 248 7.88 -15.17 -7.33
CA GLU B 248 7.73 -13.73 -7.19
C GLU B 248 6.31 -13.36 -6.78
N GLY B 249 5.89 -13.90 -5.65
CA GLY B 249 4.54 -13.73 -5.15
C GLY B 249 4.41 -12.56 -4.20
N SER B 250 3.29 -12.55 -3.47
CA SER B 250 2.96 -11.45 -2.57
C SER B 250 3.57 -11.68 -1.19
N ARG B 251 3.46 -10.67 -0.35
CA ARG B 251 3.94 -10.68 1.02
C ARG B 251 2.87 -10.09 1.90
N GLU B 252 3.03 -10.24 3.21
CA GLU B 252 2.12 -9.59 4.14
C GLU B 252 2.74 -8.32 4.69
N ILE B 253 1.92 -7.29 4.82
CA ILE B 253 2.37 -5.95 5.16
C ILE B 253 2.43 -5.81 6.67
N LYS B 254 3.60 -5.48 7.20
CA LYS B 254 3.74 -5.27 8.62
C LYS B 254 4.62 -4.09 9.00
N ASP B 255 5.20 -3.38 8.05
CA ASP B 255 5.85 -2.12 8.35
C ASP B 255 5.70 -1.21 7.14
N PHE B 256 5.88 0.08 7.37
CA PHE B 256 5.58 1.10 6.37
C PHE B 256 6.84 1.94 6.17
N LYS B 257 7.68 1.54 5.23
CA LYS B 257 8.98 2.14 4.97
C LYS B 257 8.94 2.89 3.64
N ASP B 258 10.06 3.52 3.29
CA ASP B 258 10.13 4.39 2.12
C ASP B 258 10.17 3.57 0.84
N PHE B 259 10.42 4.24 -0.28
CA PHE B 259 10.31 3.58 -1.58
C PHE B 259 11.39 2.52 -1.75
N TYR B 260 12.66 2.93 -1.71
CA TYR B 260 13.74 1.99 -1.97
C TYR B 260 13.93 1.01 -0.82
N LEU B 261 13.56 1.39 0.39
CA LEU B 261 13.76 0.51 1.53
C LEU B 261 12.68 -0.54 1.63
N SER B 262 11.53 -0.32 0.97
CA SER B 262 10.47 -1.30 1.00
C SER B 262 10.43 -2.13 -0.28
N ILE B 263 10.81 -1.56 -1.41
CA ILE B 263 10.97 -2.37 -2.63
C ILE B 263 12.06 -3.41 -2.44
N ALA B 264 13.04 -3.12 -1.59
CA ALA B 264 14.16 -4.02 -1.33
C ALA B 264 13.92 -4.97 -0.17
N ASP B 265 12.78 -4.89 0.51
CA ASP B 265 12.41 -5.88 1.50
C ASP B 265 11.52 -6.96 0.94
N HIS B 266 10.70 -6.61 -0.04
CA HIS B 266 9.91 -7.59 -0.78
C HIS B 266 10.83 -8.55 -1.54
N TYR B 267 11.85 -7.99 -2.17
CA TYR B 267 12.78 -8.82 -2.93
C TYR B 267 13.59 -9.75 -2.06
N VAL B 268 13.82 -9.43 -0.79
CA VAL B 268 14.65 -10.32 0.01
C VAL B 268 13.90 -11.62 0.34
N GLU B 269 12.60 -11.53 0.62
CA GLU B 269 11.80 -12.73 0.77
C GLU B 269 11.71 -13.51 -0.54
N VAL B 270 11.47 -12.80 -1.65
CA VAL B 270 11.47 -13.47 -2.95
C VAL B 270 12.79 -14.19 -3.18
N LEU B 271 13.90 -13.58 -2.76
CA LEU B 271 15.22 -14.14 -3.01
C LEU B 271 15.49 -15.36 -2.14
N GLU B 272 15.01 -15.38 -0.91
CA GLU B 272 15.09 -16.60 -0.12
C GLU B 272 14.41 -17.75 -0.85
N CYS B 273 13.19 -17.50 -1.32
CA CYS B 273 12.45 -18.55 -2.01
C CYS B 273 13.17 -19.01 -3.28
N LYS B 274 13.75 -18.08 -4.02
CA LYS B 274 14.47 -18.45 -5.24
C LYS B 274 15.73 -19.24 -4.94
N ILE B 275 16.47 -18.86 -3.90
CA ILE B 275 17.69 -19.59 -3.55
C ILE B 275 17.36 -21.03 -3.22
N GLN B 276 16.24 -21.26 -2.54
CA GLN B 276 15.92 -22.63 -2.16
C GLN B 276 15.10 -23.32 -3.25
N CYS B 277 15.57 -23.31 -4.48
CA CYS B 277 14.74 -23.77 -5.59
C CYS B 277 15.40 -24.80 -6.49
N GLU B 278 16.73 -24.78 -6.61
CA GLU B 278 17.41 -25.82 -7.38
C GLU B 278 17.40 -27.16 -6.65
N GLU B 279 17.36 -27.13 -5.32
CA GLU B 279 17.38 -28.38 -4.56
C GLU B 279 16.05 -29.10 -4.58
N ASN B 280 14.94 -28.39 -4.73
CA ASN B 280 13.63 -29.04 -4.69
C ASN B 280 13.38 -29.87 -5.95
N LEU B 281 13.98 -29.51 -7.08
CA LEU B 281 13.75 -30.20 -8.33
C LEU B 281 14.71 -31.36 -8.56
N THR B 282 15.62 -31.61 -7.66
CA THR B 282 16.58 -32.69 -7.84
C THR B 282 15.91 -34.04 -7.66
N PRO B 283 16.14 -35.01 -8.54
CA PRO B 283 15.53 -36.33 -8.37
C PRO B 283 16.12 -37.05 -7.17
N VAL B 284 15.33 -37.95 -6.60
CA VAL B 284 15.74 -38.77 -5.47
C VAL B 284 15.69 -40.23 -5.90
N ILE B 285 16.80 -40.94 -5.73
CA ILE B 285 16.91 -42.34 -6.09
C ILE B 285 17.49 -43.10 -4.91
N GLY B 286 16.79 -44.13 -4.45
CA GLY B 286 17.27 -44.88 -3.31
C GLY B 286 17.15 -44.16 -1.99
N GLY B 287 16.32 -43.13 -1.91
CA GLY B 287 16.15 -42.37 -0.68
C GLY B 287 17.16 -41.26 -0.47
N TYR B 288 18.07 -41.03 -1.41
CA TYR B 288 19.08 -39.99 -1.28
C TYR B 288 19.05 -39.11 -2.51
N PRO B 289 18.97 -37.78 -2.36
CA PRO B 289 18.97 -36.91 -3.54
C PRO B 289 20.29 -37.01 -4.29
N VAL B 290 20.20 -36.90 -5.62
CA VAL B 290 21.38 -36.97 -6.47
C VAL B 290 22.08 -35.63 -6.35
N GLU B 291 23.35 -35.65 -5.94
CA GLU B 291 24.09 -34.42 -5.77
C GLU B 291 24.84 -34.04 -7.04
N LYS B 292 24.85 -32.75 -7.34
CA LYS B 292 25.43 -32.22 -8.58
C LYS B 292 24.74 -32.82 -9.80
N PHE B 293 23.46 -32.45 -9.93
CA PHE B 293 22.62 -33.03 -10.97
C PHE B 293 23.12 -32.69 -12.38
N VAL B 294 23.30 -31.40 -12.65
CA VAL B 294 23.62 -30.97 -14.02
C VAL B 294 25.03 -31.40 -14.41
N ALA B 295 25.97 -31.29 -13.48
CA ALA B 295 27.32 -31.79 -13.75
C ALA B 295 27.32 -33.29 -13.98
N THR B 296 26.46 -34.02 -13.26
CA THR B 296 26.35 -35.46 -13.49
C THR B 296 25.85 -35.75 -14.91
N MET B 297 24.85 -35.00 -15.35
CA MET B 297 24.36 -35.16 -16.73
C MET B 297 25.49 -34.97 -17.72
N TYR B 298 26.28 -33.91 -17.54
CA TYR B 298 27.36 -33.66 -18.49
C TYR B 298 28.45 -34.72 -18.40
N HIS B 299 28.70 -35.26 -17.21
CA HIS B 299 29.68 -36.33 -17.06
C HIS B 299 29.27 -37.56 -17.88
N TYR B 300 28.01 -37.99 -17.72
CA TYR B 300 27.49 -39.10 -18.51
C TYR B 300 27.61 -38.81 -20.00
N LEU B 301 27.18 -37.62 -20.41
CA LEU B 301 27.17 -37.28 -21.82
C LEU B 301 28.58 -37.33 -22.41
N GLN B 302 29.55 -36.81 -21.67
CA GLN B 302 30.93 -36.80 -22.15
C GLN B 302 31.46 -38.21 -22.34
N PHE B 303 31.23 -39.09 -21.35
CA PHE B 303 31.73 -40.45 -21.53
C PHE B 303 31.08 -41.14 -22.72
N ALA B 304 29.76 -40.98 -22.87
CA ALA B 304 29.08 -41.61 -24.00
C ALA B 304 29.61 -41.12 -25.33
N TYR B 305 29.83 -39.80 -25.44
CA TYR B 305 30.35 -39.27 -26.70
C TYR B 305 31.76 -39.74 -26.97
N TYR B 306 32.57 -39.89 -25.92
CA TYR B 306 33.92 -40.42 -26.10
C TYR B 306 33.86 -41.82 -26.68
N LYS B 307 33.03 -42.70 -26.10
CA LYS B 307 33.00 -44.08 -26.55
C LYS B 307 32.55 -44.22 -28.01
N LEU B 308 31.98 -43.18 -28.59
CA LEU B 308 31.68 -43.14 -30.02
C LEU B 308 32.76 -42.41 -30.81
N ASN B 309 33.86 -42.01 -30.16
CA ASN B 309 34.97 -41.32 -30.82
C ASN B 309 34.54 -40.01 -31.46
N ASP B 310 33.47 -39.41 -30.94
CA ASP B 310 32.97 -38.12 -31.42
C ASP B 310 33.43 -37.01 -30.47
N LEU B 311 34.75 -36.81 -30.42
CA LEU B 311 35.27 -35.81 -29.48
C LEU B 311 34.83 -34.40 -29.81
N LYS B 312 34.39 -34.16 -31.06
CA LYS B 312 33.85 -32.87 -31.44
C LYS B 312 32.70 -32.45 -30.53
N ASN B 313 31.97 -33.42 -29.99
CA ASN B 313 30.97 -33.15 -28.98
C ASN B 313 31.41 -33.53 -27.57
N ALA B 314 32.49 -34.30 -27.44
CA ALA B 314 32.93 -34.71 -26.11
C ALA B 314 33.65 -33.61 -25.37
N ALA B 315 34.39 -32.76 -26.07
CA ALA B 315 35.16 -31.71 -25.39
C ALA B 315 34.29 -30.68 -24.69
N PRO B 316 33.27 -30.09 -25.33
CA PRO B 316 32.48 -29.06 -24.62
C PRO B 316 31.78 -29.56 -23.38
N CYS B 317 31.32 -30.82 -23.37
CA CYS B 317 30.72 -31.36 -22.15
C CYS B 317 31.73 -31.41 -21.02
N ALA B 318 32.97 -31.80 -21.33
CA ALA B 318 34.01 -31.82 -20.32
C ALA B 318 34.31 -30.43 -19.78
N VAL B 319 34.34 -29.44 -20.66
CA VAL B 319 34.58 -28.07 -20.19
C VAL B 319 33.43 -27.60 -19.30
N SER B 320 32.20 -27.97 -19.66
CA SER B 320 31.05 -27.61 -18.82
C SER B 320 31.14 -28.25 -17.44
N TYR B 321 31.49 -29.54 -17.39
CA TYR B 321 31.64 -30.19 -16.09
C TYR B 321 32.71 -29.50 -15.26
N LEU B 322 33.85 -29.17 -15.88
CA LEU B 322 34.90 -28.49 -15.13
C LEU B 322 34.46 -27.11 -14.68
N LEU B 323 33.55 -26.48 -15.42
CA LEU B 323 32.97 -25.21 -14.98
C LEU B 323 32.17 -25.39 -13.70
N PHE B 324 31.36 -26.44 -13.63
CA PHE B 324 30.51 -26.59 -12.44
C PHE B 324 31.29 -27.08 -11.22
N ASP B 325 32.20 -28.03 -11.41
CA ASP B 325 33.04 -28.55 -10.35
C ASP B 325 34.49 -28.42 -10.77
N GLN B 326 35.23 -27.52 -10.13
CA GLN B 326 36.58 -27.20 -10.55
C GLN B 326 37.65 -28.01 -9.82
N ASN B 327 37.26 -28.96 -8.97
CA ASN B 327 38.18 -29.70 -8.12
C ASN B 327 38.08 -31.20 -8.41
N ASP B 328 38.10 -31.57 -9.67
CA ASP B 328 38.09 -32.96 -10.10
C ASP B 328 39.34 -33.20 -10.93
N LYS B 329 40.23 -34.05 -10.44
CA LYS B 329 41.46 -34.33 -11.20
C LYS B 329 41.18 -35.22 -12.40
N VAL B 330 40.14 -36.06 -12.32
CA VAL B 330 39.82 -36.97 -13.42
C VAL B 330 39.49 -36.18 -14.68
N MET B 331 38.59 -35.20 -14.56
CA MET B 331 38.18 -34.43 -15.73
C MET B 331 39.29 -33.52 -16.22
N GLN B 332 40.16 -33.03 -15.33
CA GLN B 332 41.27 -32.22 -15.81
C GLN B 332 42.26 -33.08 -16.60
N GLN B 333 42.48 -34.33 -16.16
CA GLN B 333 43.30 -35.24 -16.94
C GLN B 333 42.66 -35.53 -18.29
N ASN B 334 41.33 -35.70 -18.31
CA ASN B 334 40.63 -35.89 -19.58
C ASN B 334 40.80 -34.68 -20.49
N LEU B 335 40.77 -33.48 -19.90
CA LEU B 335 40.99 -32.27 -20.69
C LEU B 335 42.37 -32.24 -21.28
N VAL B 336 43.39 -32.64 -20.51
CA VAL B 336 44.75 -32.70 -21.04
C VAL B 336 44.83 -33.68 -22.20
N TYR B 337 44.19 -34.85 -22.02
CA TYR B 337 44.15 -35.86 -23.07
C TYR B 337 43.53 -35.31 -24.35
N TYR B 338 42.40 -34.60 -24.23
CA TYR B 338 41.77 -34.01 -25.42
C TYR B 338 42.62 -32.91 -26.02
N GLN B 339 43.26 -32.10 -25.16
CA GLN B 339 44.04 -30.96 -25.63
C GLN B 339 45.22 -31.43 -26.47
N TYR B 340 45.92 -32.47 -26.02
CA TYR B 340 47.14 -32.89 -26.69
C TYR B 340 46.86 -33.54 -28.04
N HIS B 341 45.64 -34.04 -28.27
CA HIS B 341 45.27 -34.68 -29.52
C HIS B 341 44.45 -33.75 -30.43
N ARG B 342 44.66 -32.44 -30.32
CA ARG B 342 43.83 -31.50 -31.06
C ARG B 342 43.95 -31.70 -32.56
N ASP B 343 45.18 -31.83 -33.06
CA ASP B 343 45.44 -31.89 -34.48
C ASP B 343 45.08 -33.24 -35.10
N THR B 344 45.19 -34.33 -34.34
CA THR B 344 44.84 -35.64 -34.86
C THR B 344 43.37 -35.71 -35.26
N TRP B 345 42.48 -35.25 -34.37
CA TRP B 345 41.05 -35.26 -34.62
C TRP B 345 40.54 -33.96 -35.24
N GLY B 346 41.43 -33.04 -35.59
CA GLY B 346 41.04 -31.85 -36.31
C GLY B 346 40.09 -30.94 -35.55
N LEU B 347 40.48 -30.56 -34.34
CA LEU B 347 39.67 -29.70 -33.50
C LEU B 347 40.12 -28.25 -33.64
N SER B 348 39.21 -27.34 -33.29
CA SER B 348 39.50 -25.93 -33.26
C SER B 348 39.21 -25.40 -31.86
N ASP B 349 39.73 -24.20 -31.58
CA ASP B 349 39.50 -23.59 -30.28
C ASP B 349 38.02 -23.33 -30.06
N GLU B 350 37.25 -23.16 -31.13
CA GLU B 350 35.80 -23.01 -30.99
C GLU B 350 35.17 -24.21 -30.32
N HIS B 351 35.77 -25.38 -30.44
CA HIS B 351 35.32 -26.54 -29.67
C HIS B 351 36.10 -26.70 -28.37
N PHE B 352 36.25 -25.62 -27.61
CA PHE B 352 36.83 -25.74 -26.28
C PHE B 352 36.14 -24.81 -25.28
N GLN B 353 34.98 -24.30 -25.62
CA GLN B 353 34.24 -23.43 -24.71
C GLN B 353 33.03 -24.18 -24.17
N PRO B 354 32.51 -23.78 -23.01
CA PRO B 354 31.33 -24.45 -22.47
C PRO B 354 30.09 -24.17 -23.30
N ARG B 355 29.13 -25.09 -23.21
CA ARG B 355 27.85 -24.89 -23.87
C ARG B 355 27.14 -23.68 -23.27
N PRO B 356 26.42 -22.91 -24.09
CA PRO B 356 25.84 -21.65 -23.58
C PRO B 356 24.76 -21.82 -22.53
N GLU B 357 23.95 -22.88 -22.60
CA GLU B 357 22.90 -23.07 -21.60
C GLU B 357 23.51 -23.29 -20.22
N ALA B 358 24.61 -24.02 -20.15
CA ALA B 358 25.29 -24.23 -18.89
C ALA B 358 25.84 -22.92 -18.33
N VAL B 359 26.35 -22.06 -19.20
CA VAL B 359 26.85 -20.77 -18.75
C VAL B 359 25.72 -19.92 -18.19
N GLN B 360 24.56 -19.95 -18.83
CA GLN B 360 23.41 -19.22 -18.32
C GLN B 360 22.99 -19.73 -16.94
N PHE B 361 22.92 -21.05 -16.80
CA PHE B 361 22.57 -21.64 -15.51
C PHE B 361 23.57 -21.24 -14.42
N PHE B 362 24.85 -21.31 -14.74
CA PHE B 362 25.90 -20.95 -13.80
C PHE B 362 25.79 -19.50 -13.37
N ASN B 363 25.60 -18.59 -14.34
CA ASN B 363 25.46 -17.17 -14.02
C ASN B 363 24.29 -16.93 -13.10
N VAL B 364 23.13 -17.51 -13.41
CA VAL B 364 21.94 -17.22 -12.61
C VAL B 364 22.12 -17.69 -11.18
N THR B 365 22.56 -18.94 -11.00
CA THR B 365 22.71 -19.46 -9.64
C THR B 365 23.75 -18.68 -8.83
N THR B 366 24.89 -18.37 -9.45
CA THR B 366 25.94 -17.66 -8.72
C THR B 366 25.53 -16.24 -8.36
N LEU B 367 24.87 -15.52 -9.28
CA LEU B 367 24.37 -14.19 -8.96
C LEU B 367 23.40 -14.24 -7.80
N GLN B 368 22.50 -15.22 -7.78
CA GLN B 368 21.54 -15.28 -6.69
C GLN B 368 22.23 -15.48 -5.36
N LYS B 369 23.21 -16.38 -5.30
CA LYS B 369 23.89 -16.61 -4.03
C LYS B 369 24.67 -15.39 -3.57
N GLU B 370 25.36 -14.70 -4.49
CA GLU B 370 26.09 -13.49 -4.11
C GLU B 370 25.16 -12.39 -3.61
N LEU B 371 24.03 -12.17 -4.28
CA LEU B 371 23.10 -11.14 -3.83
C LEU B 371 22.54 -11.46 -2.46
N TYR B 372 22.22 -12.73 -2.20
CA TYR B 372 21.67 -13.05 -0.89
C TYR B 372 22.71 -12.91 0.20
N ASP B 373 23.95 -13.32 -0.06
CA ASP B 373 24.99 -13.14 0.93
C ASP B 373 25.24 -11.67 1.22
N PHE B 374 25.20 -10.82 0.18
CA PHE B 374 25.32 -9.38 0.39
C PHE B 374 24.17 -8.84 1.22
N ALA B 375 22.94 -9.22 0.89
CA ALA B 375 21.79 -8.64 1.56
C ALA B 375 21.63 -9.16 2.98
N LYS B 376 22.30 -10.25 3.32
CA LYS B 376 22.25 -10.75 4.69
C LYS B 376 23.28 -10.11 5.60
N GLU B 377 23.83 -8.96 5.19
CA GLU B 377 24.74 -8.17 6.01
C GLU B 377 24.39 -6.70 6.07
N ASN B 378 23.67 -6.16 5.08
CA ASN B 378 23.39 -4.75 4.98
C ASN B 378 21.90 -4.41 5.00
N ILE B 379 21.04 -5.29 4.50
CA ILE B 379 19.63 -4.96 4.40
C ILE B 379 18.85 -5.47 5.59
N MET B 380 19.00 -6.75 5.93
CA MET B 380 18.16 -7.35 6.96
C MET B 380 18.51 -6.80 8.33
N ASP B 381 17.49 -6.36 9.06
CA ASP B 381 17.69 -5.76 10.37
C ASP B 381 18.09 -6.82 11.39
N ASP B 382 18.78 -6.37 12.42
CA ASP B 382 19.15 -7.24 13.54
C ASP B 382 18.33 -6.79 14.74
N ASP B 383 17.10 -7.29 14.83
CA ASP B 383 16.22 -7.04 15.96
C ASP B 383 15.81 -8.34 16.63
N GLU B 384 16.51 -9.44 16.33
CA GLU B 384 16.19 -10.75 16.88
C GLU B 384 17.48 -11.46 17.24
N GLY B 385 17.35 -12.57 17.96
CA GLY B 385 18.49 -13.36 18.39
C GLY B 385 18.07 -14.77 18.73
N GLU B 386 19.04 -15.56 19.19
CA GLU B 386 18.77 -16.93 19.59
C GLU B 386 18.40 -16.98 21.07
N VAL B 387 17.35 -17.73 21.39
CA VAL B 387 16.91 -17.91 22.76
C VAL B 387 17.88 -18.85 23.49
N VAL B 388 18.18 -18.52 24.74
CA VAL B 388 19.07 -19.34 25.55
C VAL B 388 18.39 -19.77 26.84
N LYS C 37 15.71 -21.34 18.26
CA LYS C 37 14.55 -20.46 18.13
C LYS C 37 14.96 -19.00 18.20
N LYS C 38 14.37 -18.20 17.32
CA LYS C 38 14.62 -16.76 17.28
C LYS C 38 13.50 -16.01 17.97
N GLY C 39 13.87 -15.02 18.78
CA GLY C 39 12.90 -14.21 19.48
C GLY C 39 13.35 -12.77 19.61
N PRO C 40 12.42 -11.89 19.95
CA PRO C 40 12.77 -10.47 20.09
C PRO C 40 13.67 -10.23 21.29
N LYS C 41 14.44 -9.15 21.23
CA LYS C 41 15.35 -8.78 22.30
C LYS C 41 14.70 -7.76 23.22
N VAL C 42 14.74 -8.02 24.53
CA VAL C 42 14.22 -7.08 25.51
C VAL C 42 15.34 -6.13 25.91
N THR C 43 14.99 -4.86 26.13
CA THR C 43 15.98 -3.83 26.40
C THR C 43 15.78 -3.11 27.71
N VAL C 44 14.53 -2.92 28.15
CA VAL C 44 14.20 -2.27 29.40
C VAL C 44 13.20 -3.15 30.14
N LYS C 45 13.17 -3.04 31.45
CA LYS C 45 12.18 -3.70 32.29
C LYS C 45 11.52 -2.66 33.18
N VAL C 46 10.20 -2.80 33.39
CA VAL C 46 9.45 -1.94 34.29
C VAL C 46 8.72 -2.82 35.28
N TYR C 47 8.40 -2.27 36.45
CA TYR C 47 7.72 -3.03 37.48
C TYR C 47 6.53 -2.25 38.02
N PHE C 48 5.44 -2.96 38.32
CA PHE C 48 4.24 -2.40 38.92
C PHE C 48 3.98 -3.12 40.23
N ASP C 49 3.44 -2.42 41.22
CA ASP C 49 2.94 -3.04 42.43
C ASP C 49 1.44 -2.82 42.50
N LEU C 50 0.68 -3.88 42.72
CA LEU C 50 -0.76 -3.81 42.62
C LEU C 50 -1.40 -3.92 44.00
N ARG C 51 -2.52 -3.22 44.19
CA ARG C 51 -3.28 -3.30 45.43
C ARG C 51 -4.76 -3.40 45.11
N ILE C 52 -5.43 -4.39 45.71
CA ILE C 52 -6.89 -4.53 45.57
C ILE C 52 -7.50 -3.90 46.81
N GLY C 53 -7.73 -2.59 46.74
CA GLY C 53 -8.38 -1.91 47.84
C GLY C 53 -7.50 -1.77 49.07
N ASP C 54 -7.19 -2.89 49.73
CA ASP C 54 -6.33 -2.83 50.91
C ASP C 54 -5.22 -3.88 50.92
N GLU C 55 -5.36 -5.00 50.22
CA GLU C 55 -4.33 -6.02 50.17
C GLU C 55 -3.32 -5.68 49.09
N ASP C 56 -2.04 -5.93 49.36
CA ASP C 56 -1.01 -5.85 48.33
C ASP C 56 -0.79 -7.23 47.74
N VAL C 57 -1.19 -7.41 46.49
CA VAL C 57 -1.21 -8.75 45.91
C VAL C 57 0.06 -9.10 45.14
N GLY C 58 0.94 -8.15 44.88
CA GLY C 58 2.23 -8.52 44.37
C GLY C 58 2.76 -7.53 43.36
N ARG C 59 3.80 -7.98 42.66
CA ARG C 59 4.59 -7.18 41.75
C ARG C 59 4.61 -7.84 40.38
N VAL C 60 4.58 -7.03 39.33
CA VAL C 60 4.58 -7.50 37.95
C VAL C 60 5.75 -6.86 37.22
N ILE C 61 6.52 -7.67 36.49
CA ILE C 61 7.71 -7.22 35.79
C ILE C 61 7.48 -7.38 34.29
N PHE C 62 7.46 -6.27 33.56
CA PHE C 62 7.31 -6.29 32.11
C PHE C 62 8.67 -6.08 31.46
N GLY C 63 8.92 -6.80 30.37
CA GLY C 63 10.12 -6.58 29.60
C GLY C 63 9.81 -6.09 28.19
N LEU C 64 10.26 -4.90 27.84
CA LEU C 64 9.80 -4.20 26.65
C LEU C 64 10.82 -4.31 25.54
N PHE C 65 10.34 -4.46 24.30
CA PHE C 65 11.21 -4.62 23.13
C PHE C 65 11.51 -3.24 22.56
N GLY C 66 12.67 -2.70 22.92
CA GLY C 66 13.02 -1.34 22.54
C GLY C 66 13.73 -1.21 21.21
N LYS C 67 14.27 -2.29 20.67
CA LYS C 67 14.92 -2.23 19.37
C LYS C 67 13.96 -2.55 18.23
N THR C 68 12.84 -3.21 18.53
CA THR C 68 11.85 -3.49 17.51
C THR C 68 10.85 -2.35 17.37
N VAL C 69 10.32 -1.86 18.49
CA VAL C 69 9.30 -0.82 18.48
C VAL C 69 9.73 0.33 19.38
N PRO C 70 10.67 1.18 18.96
CA PRO C 70 10.96 2.40 19.72
C PRO C 70 9.86 3.42 19.49
N LYS C 71 9.82 4.44 20.35
CA LYS C 71 8.78 5.48 20.31
C LYS C 71 7.46 4.98 20.88
N THR C 72 7.34 3.69 21.13
CA THR C 72 6.23 3.14 21.90
C THR C 72 6.70 2.59 23.22
N VAL C 73 7.91 2.06 23.26
CA VAL C 73 8.55 1.74 24.53
C VAL C 73 8.91 3.02 25.28
N ASP C 74 9.32 4.06 24.56
CA ASP C 74 9.69 5.32 25.19
C ASP C 74 8.51 5.97 25.89
N ASN C 75 7.35 5.98 25.25
CA ASN C 75 6.15 6.54 25.89
C ASN C 75 5.82 5.79 27.18
N PHE C 76 5.86 4.46 27.13
CA PHE C 76 5.55 3.66 28.31
C PHE C 76 6.56 3.91 29.43
N VAL C 77 7.84 3.93 29.10
CA VAL C 77 8.86 4.09 30.14
C VAL C 77 8.79 5.48 30.74
N ALA C 78 8.59 6.51 29.91
CA ALA C 78 8.47 7.87 30.42
C ALA C 78 7.26 8.02 31.31
N LEU C 79 6.13 7.40 30.94
CA LEU C 79 4.95 7.52 31.77
C LEU C 79 5.06 6.72 33.05
N ALA C 80 5.79 5.60 33.01
CA ALA C 80 5.98 4.81 34.23
C ALA C 80 6.88 5.52 35.21
N THR C 81 8.02 6.03 34.74
CA THR C 81 8.93 6.73 35.63
C THR C 81 8.36 8.05 36.14
N GLY C 82 7.37 8.61 35.44
CA GLY C 82 6.79 9.88 35.86
C GLY C 82 7.75 11.04 35.79
N GLU C 83 8.55 11.12 34.73
CA GLU C 83 9.56 12.17 34.62
C GLU C 83 9.00 13.48 34.09
N LYS C 84 7.73 13.52 33.71
CA LYS C 84 7.11 14.73 33.17
C LYS C 84 5.87 15.16 33.94
N GLY C 85 5.82 14.87 35.24
CA GLY C 85 4.67 15.27 36.02
C GLY C 85 3.57 14.24 36.05
N PHE C 86 3.03 13.92 34.88
CA PHE C 86 1.95 12.95 34.77
C PHE C 86 2.49 11.55 34.52
N GLY C 87 1.80 10.55 35.05
CA GLY C 87 2.25 9.18 34.90
C GLY C 87 1.19 8.18 35.30
N TYR C 88 1.61 6.93 35.44
CA TYR C 88 0.70 5.84 35.76
C TYR C 88 0.46 5.67 37.25
N LYS C 89 1.15 6.43 38.09
CA LYS C 89 1.00 6.27 39.54
C LYS C 89 -0.43 6.54 39.97
N ASN C 90 -0.93 5.71 40.87
CA ASN C 90 -2.27 5.85 41.45
C ASN C 90 -3.36 5.81 40.38
N SER C 91 -3.09 5.11 39.28
CA SER C 91 -4.08 4.91 38.24
C SER C 91 -4.91 3.67 38.56
N LYS C 92 -5.69 3.18 37.60
CA LYS C 92 -6.64 2.13 37.92
C LYS C 92 -7.02 1.36 36.66
N PHE C 93 -7.24 0.05 36.84
CA PHE C 93 -7.76 -0.82 35.79
C PHE C 93 -9.27 -0.66 35.73
N HIS C 94 -9.80 -0.30 34.56
CA HIS C 94 -11.23 -0.06 34.44
C HIS C 94 -11.98 -1.11 33.64
N ARG C 95 -11.30 -2.09 33.08
CA ARG C 95 -11.94 -3.18 32.34
C ARG C 95 -11.25 -4.48 32.71
N VAL C 96 -11.99 -5.39 33.34
CA VAL C 96 -11.45 -6.66 33.79
C VAL C 96 -12.24 -7.79 33.17
N ILE C 97 -12.67 -7.62 31.92
CA ILE C 97 -13.51 -8.60 31.26
C ILE C 97 -12.87 -9.99 31.33
N LYS C 98 -13.64 -10.95 31.84
CA LYS C 98 -13.10 -12.26 32.19
C LYS C 98 -12.68 -13.05 30.95
N ASP C 99 -11.56 -13.74 31.06
CA ASP C 99 -11.12 -14.72 30.08
C ASP C 99 -10.78 -14.01 28.77
N PHE C 100 -10.71 -12.68 28.81
CA PHE C 100 -10.25 -11.91 27.65
C PHE C 100 -8.97 -11.15 27.94
N MET C 101 -8.98 -10.23 28.91
CA MET C 101 -7.84 -9.34 29.14
C MET C 101 -8.15 -8.42 30.31
N ILE C 102 -7.13 -7.69 30.75
CA ILE C 102 -7.29 -6.60 31.71
C ILE C 102 -6.64 -5.35 31.11
N GLN C 103 -7.33 -4.23 31.22
CA GLN C 103 -6.93 -2.98 30.58
C GLN C 103 -6.84 -1.87 31.61
N GLY C 104 -5.88 -0.97 31.41
CA GLY C 104 -5.73 0.17 32.29
C GLY C 104 -4.86 1.22 31.63
N GLY C 105 -4.75 2.35 32.30
CA GLY C 105 -3.86 3.38 31.79
C GLY C 105 -4.53 4.70 31.49
N ASP C 106 -5.71 4.93 32.06
CA ASP C 106 -6.38 6.22 31.90
C ASP C 106 -6.24 7.00 33.20
N PHE C 107 -5.25 7.89 33.25
CA PHE C 107 -4.98 8.64 34.46
C PHE C 107 -5.65 10.00 34.50
N THR C 108 -6.31 10.43 33.42
CA THR C 108 -6.99 11.72 33.44
C THR C 108 -8.44 11.59 33.93
N ARG C 109 -9.19 10.63 33.38
CA ARG C 109 -10.59 10.43 33.72
C ARG C 109 -10.80 9.02 34.24
N GLY C 110 -11.82 8.87 35.09
CA GLY C 110 -12.10 7.57 35.68
C GLY C 110 -12.53 6.54 34.65
N ASP C 111 -13.31 6.94 33.66
CA ASP C 111 -13.78 6.04 32.62
C ASP C 111 -12.65 5.82 31.62
N GLY C 112 -12.98 5.26 30.47
CA GLY C 112 -11.96 4.95 29.48
C GLY C 112 -11.93 5.90 28.30
N THR C 113 -12.02 7.20 28.55
CA THR C 113 -12.02 8.17 27.47
C THR C 113 -10.87 9.17 27.53
N GLY C 114 -10.02 9.12 28.54
CA GLY C 114 -8.95 10.08 28.72
C GLY C 114 -7.61 9.54 28.27
N GLY C 115 -6.54 10.10 28.86
CA GLY C 115 -5.20 9.64 28.60
C GLY C 115 -4.48 10.42 27.51
N LYS C 116 -3.21 10.74 27.73
CA LYS C 116 -2.39 11.44 26.76
C LYS C 116 -0.98 10.87 26.78
N SER C 117 -0.31 10.95 25.65
CA SER C 117 1.06 10.49 25.50
C SER C 117 2.02 11.66 25.68
N ILE C 118 3.31 11.37 25.53
CA ILE C 118 4.28 12.45 25.59
C ILE C 118 4.42 13.17 24.25
N TYR C 119 4.01 12.56 23.15
CA TYR C 119 4.08 13.18 21.83
C TYR C 119 2.79 13.92 21.49
N GLY C 120 2.29 14.73 22.38
CA GLY C 120 0.99 15.38 22.15
C GLY C 120 -0.14 14.61 22.82
N GLU C 121 -1.15 14.24 22.04
CA GLU C 121 -2.30 13.50 22.54
C GLU C 121 -2.39 12.11 21.97
N ARG C 122 -2.24 11.95 20.67
CA ARG C 122 -2.22 10.67 19.99
C ARG C 122 -1.04 10.63 19.04
N PHE C 123 -0.54 9.43 18.77
CA PHE C 123 0.55 9.27 17.82
C PHE C 123 0.31 8.05 16.95
N PRO C 124 0.91 7.99 15.77
CA PRO C 124 0.54 6.93 14.81
C PRO C 124 1.07 5.56 15.19
N ASP C 125 0.47 4.55 14.58
CA ASP C 125 0.95 3.17 14.72
C ASP C 125 2.28 3.00 14.00
N GLU C 126 3.16 2.21 14.61
CA GLU C 126 4.52 2.06 14.13
C GLU C 126 4.72 0.86 13.22
N ASN C 127 4.55 -0.36 13.74
CA ASN C 127 4.74 -1.55 12.95
C ASN C 127 4.11 -2.71 13.67
N PHE C 128 3.54 -3.63 12.91
CA PHE C 128 2.98 -4.85 13.46
C PHE C 128 3.91 -6.04 13.21
N LYS C 129 5.10 -5.96 13.81
CA LYS C 129 6.08 -7.02 13.64
C LYS C 129 5.85 -8.20 14.58
N LEU C 130 5.10 -8.01 15.66
CA LEU C 130 4.79 -9.07 16.60
C LEU C 130 3.28 -9.27 16.70
N LYS C 131 2.89 -10.48 17.09
CA LYS C 131 1.49 -10.86 17.23
C LYS C 131 1.18 -11.18 18.69
N HIS C 132 -0.07 -11.54 18.94
CA HIS C 132 -0.53 -11.92 20.27
C HIS C 132 -0.42 -13.44 20.36
N TYR C 133 0.71 -13.91 20.86
CA TYR C 133 1.00 -15.34 20.84
C TYR C 133 0.34 -16.11 21.98
N GLY C 134 -0.17 -15.43 23.01
CA GLY C 134 -0.76 -16.12 24.12
C GLY C 134 -0.94 -15.23 25.32
N PRO C 135 -1.06 -15.84 26.50
CA PRO C 135 -1.24 -15.04 27.71
C PRO C 135 0.02 -14.27 28.09
N GLY C 136 -0.18 -13.02 28.48
CA GLY C 136 0.91 -12.24 29.01
C GLY C 136 1.64 -11.35 28.04
N TRP C 137 1.02 -11.01 26.91
CA TRP C 137 1.64 -10.14 25.91
C TRP C 137 0.93 -8.79 25.96
N VAL C 138 1.71 -7.73 26.20
CA VAL C 138 1.21 -6.38 26.41
C VAL C 138 1.07 -5.68 25.07
N SER C 139 0.03 -4.88 24.91
CA SER C 139 -0.24 -4.20 23.65
C SER C 139 -0.91 -2.86 23.90
N MET C 140 -0.97 -2.03 22.86
CA MET C 140 -1.51 -0.68 22.95
C MET C 140 -2.96 -0.67 22.49
N ALA C 141 -3.83 -0.06 23.29
CA ALA C 141 -5.25 0.01 22.97
C ALA C 141 -5.55 1.33 22.26
N ASN C 142 -6.27 1.23 21.14
CA ASN C 142 -6.54 2.38 20.31
C ASN C 142 -8.01 2.38 19.91
N ALA C 143 -8.52 3.56 19.58
CA ALA C 143 -9.93 3.74 19.22
C ALA C 143 -10.10 3.99 17.72
N GLY C 144 -9.33 3.31 16.89
CA GLY C 144 -9.41 3.51 15.46
C GLY C 144 -8.11 3.24 14.76
N LYS C 145 -7.65 4.19 13.94
CA LYS C 145 -6.38 4.08 13.25
C LYS C 145 -5.50 5.26 13.63
N ASP C 146 -4.28 4.97 14.07
CA ASP C 146 -3.31 6.00 14.43
C ASP C 146 -3.84 6.87 15.57
N THR C 147 -4.27 6.22 16.65
CA THR C 147 -4.80 6.90 17.81
C THR C 147 -4.27 6.29 19.10
N ASN C 148 -3.00 5.91 19.10
CA ASN C 148 -2.40 5.35 20.30
C ASN C 148 -2.31 6.42 21.37
N GLY C 149 -2.70 6.08 22.59
CA GLY C 149 -2.74 7.06 23.65
C GLY C 149 -1.83 6.74 24.81
N SER C 150 -2.40 6.32 25.92
CA SER C 150 -1.62 5.82 27.03
C SER C 150 -2.25 4.59 27.67
N GLN C 151 -3.19 3.94 27.00
CA GLN C 151 -3.94 2.82 27.55
C GLN C 151 -3.44 1.51 26.94
N PHE C 152 -3.21 0.52 27.80
CA PHE C 152 -2.63 -0.76 27.41
C PHE C 152 -3.51 -1.89 27.94
N PHE C 153 -3.35 -3.08 27.36
CA PHE C 153 -4.01 -4.26 27.91
C PHE C 153 -3.06 -5.44 27.93
N ILE C 154 -3.32 -6.38 28.86
CA ILE C 154 -2.57 -7.61 29.00
C ILE C 154 -3.49 -8.77 28.65
N THR C 155 -3.21 -9.45 27.53
CA THR C 155 -4.09 -10.53 27.09
C THR C 155 -3.91 -11.74 27.99
N THR C 156 -5.00 -12.45 28.26
CA THR C 156 -4.97 -13.64 29.08
C THR C 156 -5.23 -14.92 28.31
N VAL C 157 -5.79 -14.85 27.10
CA VAL C 157 -5.89 -15.99 26.20
C VAL C 157 -5.39 -15.55 24.83
N LYS C 158 -5.16 -16.52 23.96
CA LYS C 158 -4.67 -16.20 22.62
C LYS C 158 -5.73 -15.45 21.85
N THR C 159 -5.37 -14.30 21.30
CA THR C 159 -6.27 -13.47 20.51
C THR C 159 -5.65 -13.26 19.13
N ALA C 160 -6.06 -14.07 18.16
CA ALA C 160 -5.55 -13.92 16.81
C ALA C 160 -6.41 -13.03 15.94
N TRP C 161 -7.58 -12.60 16.41
CA TRP C 161 -8.40 -11.69 15.62
C TRP C 161 -7.98 -10.24 15.77
N LEU C 162 -7.05 -9.96 16.66
CA LEU C 162 -6.56 -8.61 16.94
C LEU C 162 -5.29 -8.28 16.18
N ASP C 163 -4.69 -9.24 15.49
CA ASP C 163 -3.42 -9.03 14.82
C ASP C 163 -3.59 -8.10 13.62
N GLY C 164 -2.64 -7.18 13.46
CA GLY C 164 -2.70 -6.20 12.41
C GLY C 164 -3.41 -4.92 12.76
N LYS C 165 -4.09 -4.87 13.89
CA LYS C 165 -4.77 -3.68 14.36
C LYS C 165 -4.10 -3.02 15.55
N HIS C 166 -3.65 -3.82 16.51
CA HIS C 166 -3.00 -3.33 17.72
C HIS C 166 -1.53 -3.67 17.69
N VAL C 167 -0.71 -2.78 18.23
CA VAL C 167 0.74 -2.90 18.18
C VAL C 167 1.25 -3.44 19.51
N VAL C 168 2.06 -4.50 19.45
CA VAL C 168 2.49 -5.24 20.64
C VAL C 168 3.91 -4.82 20.98
N PHE C 169 4.17 -4.56 22.27
CA PHE C 169 5.47 -4.03 22.66
C PHE C 169 6.03 -4.59 23.97
N GLY C 170 5.55 -5.73 24.44
CA GLY C 170 6.12 -6.25 25.68
C GLY C 170 5.58 -7.61 26.02
N LYS C 171 6.15 -8.21 27.05
CA LYS C 171 5.75 -9.53 27.52
C LYS C 171 5.96 -9.61 29.02
N VAL C 172 4.98 -10.17 29.72
CA VAL C 172 5.05 -10.30 31.18
C VAL C 172 6.13 -11.32 31.53
N LEU C 173 7.04 -10.94 32.43
CA LEU C 173 8.17 -11.80 32.76
C LEU C 173 7.98 -12.52 34.09
N GLU C 174 7.60 -11.81 35.14
CA GLU C 174 7.27 -12.40 36.43
C GLU C 174 5.81 -12.12 36.76
N GLY C 175 5.36 -12.66 37.88
CA GLY C 175 4.07 -12.32 38.44
C GLY C 175 2.86 -12.59 37.57
N MET C 176 2.82 -13.74 36.88
CA MET C 176 1.61 -14.09 36.15
C MET C 176 0.47 -14.45 37.10
N GLU C 177 0.81 -14.94 38.30
CA GLU C 177 -0.23 -15.26 39.27
C GLU C 177 -0.96 -14.02 39.74
N VAL C 178 -0.29 -12.87 39.78
CA VAL C 178 -0.98 -11.64 40.14
C VAL C 178 -1.93 -11.21 39.04
N VAL C 179 -1.52 -11.35 37.77
CA VAL C 179 -2.43 -11.05 36.67
C VAL C 179 -3.65 -11.96 36.74
N ARG C 180 -3.44 -13.24 37.06
CA ARG C 180 -4.56 -14.16 37.19
C ARG C 180 -5.46 -13.78 38.36
N LYS C 181 -4.88 -13.32 39.47
CA LYS C 181 -5.71 -12.89 40.59
C LYS C 181 -6.56 -11.68 40.21
N VAL C 182 -5.96 -10.69 39.54
CA VAL C 182 -6.71 -9.52 39.11
C VAL C 182 -7.80 -9.87 38.12
N GLU C 183 -7.55 -10.84 37.24
CA GLU C 183 -8.54 -11.24 36.25
C GLU C 183 -9.79 -11.85 36.86
N SER C 184 -9.71 -12.39 38.07
CA SER C 184 -10.84 -13.10 38.67
C SER C 184 -11.57 -12.29 39.72
N THR C 185 -11.34 -10.98 39.81
CA THR C 185 -12.10 -10.17 40.75
C THR C 185 -13.52 -9.96 40.22
N LYS C 186 -14.46 -9.80 41.14
CA LYS C 186 -15.87 -9.65 40.77
C LYS C 186 -16.08 -8.33 40.04
N THR C 187 -16.83 -8.38 38.95
CA THR C 187 -17.07 -7.22 38.10
C THR C 187 -18.56 -6.88 38.12
N ASP C 188 -18.94 -5.96 37.24
CA ASP C 188 -20.34 -5.58 37.07
C ASP C 188 -20.70 -5.65 35.58
N SER C 189 -21.86 -5.09 35.23
CA SER C 189 -22.33 -5.17 33.85
C SER C 189 -21.43 -4.42 32.88
N ARG C 190 -20.71 -3.40 33.35
CA ARG C 190 -19.82 -2.62 32.51
C ARG C 190 -18.36 -3.02 32.66
N ASP C 191 -18.08 -4.09 33.42
CA ASP C 191 -16.74 -4.61 33.71
C ASP C 191 -15.92 -3.71 34.61
N LYS C 192 -16.55 -2.79 35.33
CA LYS C 192 -15.82 -2.02 36.33
C LYS C 192 -15.70 -2.83 37.61
N PRO C 193 -14.49 -3.15 38.07
CA PRO C 193 -14.37 -3.99 39.28
C PRO C 193 -15.05 -3.36 40.48
N LEU C 194 -15.72 -4.21 41.26
CA LEU C 194 -16.44 -3.71 42.44
C LEU C 194 -15.48 -3.15 43.48
N LYS C 195 -14.35 -3.80 43.69
CA LYS C 195 -13.26 -3.25 44.47
C LYS C 195 -12.23 -2.64 43.53
N ASP C 196 -11.66 -1.51 43.93
CA ASP C 196 -10.74 -0.80 43.05
C ASP C 196 -9.39 -1.52 42.99
N VAL C 197 -8.80 -1.52 41.80
CA VAL C 197 -7.47 -2.05 41.56
C VAL C 197 -6.55 -0.88 41.27
N ILE C 198 -5.50 -0.73 42.07
CA ILE C 198 -4.67 0.46 42.06
C ILE C 198 -3.22 0.08 41.80
N ILE C 199 -2.57 0.82 40.91
CA ILE C 199 -1.13 0.74 40.71
C ILE C 199 -0.45 1.57 41.79
N ALA C 200 -0.13 0.95 42.92
CA ALA C 200 0.36 1.73 44.05
C ALA C 200 1.78 2.23 43.82
N ASP C 201 2.46 1.70 42.81
CA ASP C 201 3.81 2.16 42.47
C ASP C 201 4.16 1.71 41.07
N CYS C 202 5.12 2.41 40.46
CA CYS C 202 5.62 2.04 39.15
C CYS C 202 7.01 2.62 38.98
N GLY C 203 7.90 1.84 38.38
CA GLY C 203 9.28 2.27 38.22
C GLY C 203 9.98 1.58 37.07
N LYS C 204 11.29 1.76 36.97
CA LYS C 204 12.05 1.27 35.83
C LYS C 204 13.29 0.53 36.30
N ILE C 205 13.58 -0.60 35.67
CA ILE C 205 14.72 -1.44 35.99
C ILE C 205 15.58 -1.57 34.74
N GLU C 206 16.87 -1.29 34.88
CA GLU C 206 17.76 -1.23 33.73
C GLU C 206 18.33 -2.60 33.39
N VAL C 207 18.57 -2.82 32.10
CA VAL C 207 19.12 -4.07 31.59
C VAL C 207 20.46 -3.76 30.93
N GLU C 208 21.50 -4.47 31.33
CA GLU C 208 22.85 -4.23 30.82
C GLU C 208 23.13 -4.92 29.50
N LYS C 209 22.50 -6.06 29.25
CA LYS C 209 22.68 -6.81 28.02
C LYS C 209 21.33 -7.25 27.45
N PRO C 210 20.98 -6.84 26.24
CA PRO C 210 19.73 -7.33 25.64
C PRO C 210 19.77 -8.84 25.48
N PHE C 211 18.62 -9.47 25.73
CA PHE C 211 18.51 -10.91 25.53
C PHE C 211 17.18 -11.21 24.86
N ALA C 212 17.14 -12.33 24.14
CA ALA C 212 15.97 -12.73 23.41
C ALA C 212 15.04 -13.58 24.28
N ILE C 213 13.79 -13.71 23.83
CA ILE C 213 12.79 -14.47 24.55
C ILE C 213 12.02 -15.35 23.58
N ALA C 214 11.24 -16.28 24.13
CA ALA C 214 10.50 -17.22 23.31
C ALA C 214 9.14 -16.65 22.93
N LYS C 215 8.78 -16.78 21.65
CA LYS C 215 7.53 -16.24 21.13
C LYS C 215 6.38 -17.25 21.34
N GLU C 216 6.01 -17.40 22.60
CA GLU C 216 4.93 -18.30 22.97
C GLU C 216 4.25 -17.73 24.21
N ALA C 217 3.48 -18.55 24.91
CA ALA C 217 2.88 -18.12 26.15
C ALA C 217 3.96 -17.85 27.20
N ALA C 218 3.55 -17.38 28.37
CA ALA C 218 4.48 -16.99 29.41
C ALA C 218 4.14 -17.65 30.74
N ALA C 219 5.18 -18.00 31.50
CA ALA C 219 5.08 -18.41 32.89
C ALA C 219 4.05 -19.51 33.11
N GLU C 220 3.05 -19.25 33.95
CA GLU C 220 2.00 -20.21 34.28
C GLU C 220 2.59 -21.50 34.86
N ASN C 221 3.20 -21.33 36.03
CA ASN C 221 3.85 -22.45 36.72
C ASN C 221 2.91 -23.63 36.96
N PRO D 6 -1.00 -53.66 12.87
CA PRO D 6 -2.41 -54.03 12.75
C PRO D 6 -3.19 -53.06 11.88
N GLY D 7 -3.15 -51.78 12.25
CA GLY D 7 -3.83 -50.74 11.53
C GLY D 7 -2.96 -49.52 11.34
N PRO D 8 -2.86 -49.04 10.10
CA PRO D 8 -2.13 -47.80 9.86
C PRO D 8 -2.74 -46.63 10.59
N ILE D 9 -1.88 -45.75 11.10
CA ILE D 9 -2.31 -44.56 11.81
C ILE D 9 -2.72 -43.49 10.80
N GLY D 10 -3.89 -42.90 11.02
CA GLY D 10 -4.37 -41.82 10.20
C GLY D 10 -4.46 -40.52 10.99
N PRO D 11 -4.31 -39.39 10.31
CA PRO D 11 -4.26 -38.10 11.00
C PRO D 11 -5.61 -37.74 11.60
N PRO D 12 -5.61 -36.98 12.70
CA PRO D 12 -6.88 -36.45 13.23
C PRO D 12 -7.45 -35.39 12.29
N GLY D 13 -8.77 -35.43 12.11
CA GLY D 13 -9.44 -34.50 11.23
C GLY D 13 -9.60 -33.11 11.82
N PRO D 14 -8.94 -32.13 11.20
CA PRO D 14 -8.99 -30.75 11.72
C PRO D 14 -10.37 -30.12 11.63
N ARG D 15 -10.95 -30.11 10.43
CA ARG D 15 -12.27 -29.51 10.23
C ARG D 15 -13.37 -30.41 10.78
C1 NAG E . -27.14 -4.72 -13.94
C2 NAG E . -28.10 -5.88 -14.21
C3 NAG E . -27.72 -6.58 -15.51
C4 NAG E . -27.58 -5.58 -16.65
C5 NAG E . -26.65 -4.45 -16.25
C6 NAG E . -26.56 -3.36 -17.28
C7 NAG E . -29.15 -7.13 -12.38
C8 NAG E . -30.42 -6.45 -12.76
N2 NAG E . -28.07 -6.82 -13.10
O3 NAG E . -28.72 -7.54 -15.83
O4 NAG E . -27.05 -6.24 -17.80
O5 NAG E . -27.14 -3.84 -15.05
O6 NAG E . -27.83 -3.11 -17.87
O7 NAG E . -29.09 -7.93 -11.45
C1 NAG F . 22.58 42.45 -21.85
C2 NAG F . 23.87 43.27 -21.90
C3 NAG F . 25.09 42.35 -21.82
C4 NAG F . 24.99 41.45 -20.60
C5 NAG F . 23.67 40.69 -20.62
C6 NAG F . 23.45 39.86 -19.38
C7 NAG F . 24.08 45.40 -23.11
C8 NAG F . 24.11 46.06 -24.44
N2 NAG F . 23.92 44.07 -23.12
O3 NAG F . 26.27 43.15 -21.75
O4 NAG F . 26.06 40.51 -20.58
O5 NAG F . 22.58 41.64 -20.68
O6 NAG F . 22.49 40.44 -18.52
O7 NAG F . 24.20 46.03 -22.06
FE FE G . -24.41 12.87 7.95
C1 NAG H . -0.01 -13.40 -25.62
C2 NAG H . 0.61 -13.82 -26.96
C3 NAG H . -0.10 -13.14 -28.13
C4 NAG H . -1.60 -13.40 -28.05
C5 NAG H . -2.13 -12.91 -26.70
C6 NAG H . -3.60 -13.17 -26.52
C7 NAG H . 2.95 -14.39 -27.41
C8 NAG H . 4.38 -13.90 -27.38
N2 NAG H . 2.03 -13.52 -27.00
O3 NAG H . 0.40 -13.65 -29.36
O4 NAG H . -2.27 -12.71 -29.11
O5 NAG H . -1.44 -13.62 -25.65
O6 NAG H . -4.17 -13.80 -27.66
O7 NAG H . 2.66 -15.52 -27.79
C1 NAG I . 28.86 -16.23 -16.33
C2 NAG I . 29.32 -14.79 -16.50
C3 NAG I . 30.54 -14.73 -17.40
C4 NAG I . 31.62 -15.68 -16.89
C5 NAG I . 31.06 -17.08 -16.67
C6 NAG I . 32.05 -18.01 -16.01
C7 NAG I . 27.58 -13.07 -16.31
C8 NAG I . 27.98 -12.95 -14.87
N2 NAG I . 28.25 -13.97 -17.04
O3 NAG I . 31.03 -13.40 -17.41
O4 NAG I . 32.67 -15.77 -17.85
O5 NAG I . 29.92 -17.01 -15.80
O6 NAG I . 33.09 -17.29 -15.37
O7 NAG I . 26.69 -12.37 -16.80
#